data_6ZE6
#
_entry.id   6ZE6
#
_cell.length_a   93.565
_cell.length_b   109.746
_cell.length_c   116.071
_cell.angle_alpha   90.000
_cell.angle_beta   90.000
_cell.angle_gamma   90.000
#
_symmetry.space_group_name_H-M   'P 21 21 21'
#
loop_
_entity.id
_entity.type
_entity.pdbx_description
1 polymer 'FAD-dependent oxidoreductase'
2 branched 2-acetamido-2-deoxy-beta-D-glucopyranose-(1-4)-2-acetamido-2-deoxy-beta-D-glucopyranose
3 non-polymer 'DIHYDROFLAVINE-ADENINE DINUCLEOTIDE'
4 non-polymer 2-acetamido-2-deoxy-beta-D-glucopyranose
5 non-polymer 4-NITROCATECHOL
6 non-polymer 'FORMIC ACID'
7 non-polymer 'MAGNESIUM ION'
8 non-polymer 'CHLORIDE ION'
9 non-polymer 'SODIUM ION'
10 water water
#
_entity_poly.entity_id   1
_entity_poly.type   'polypeptide(L)'
_entity_poly.pdbx_seq_one_letter_code
;NVHSNYTFIIAGGGISGLTLADRLTEDPRVTVLVIEAGPLDRGEDGILVPGAFSPWLYFWPGLVSTPQAGLNNRTVDVIT
AQVVGGGSTINAMVYLRGDKDDYDSWGALGNPGWSWNSMLPYFIKSETFTPPSPELAAAGNITWDGSIRGRSGPVNYSYP
NYFFPGSENWWNAANEVGLPPVKDPMAGSKQGVFWIPSAIDARTMTRSHARRNHYDRVSSRPNYHILPSHLVSKILFRGK
QAIGVSYIPTSGGNTTTNVYASKEITLAAGGLGTPKILQLSGIGPRKLLNELGIPVISDLPGVGQNLQDQPTLTIPYTFT
NNVFPNTDSLTTNATYNAEQRALYDSSKQGAYTIVNSLSTNIGVMSLQRAAPKSYRQIIAAARARSASLSLPPGTDPAVI
RGYQAQRNAILKQFENPNVGVGTVHWGTGSSALVYHLKPLSRGTVNIRSTNPLDAPEIDYRTGTDPIDAQVYTSLFRKNR
EIFNAPSMRVLGPSEAAPFGANLTTDEEIYAVMRELINPSNAHQCCTAAMMPKDMGGVVSSEQKVYGVQGLRVADISFWP
FQLSGSPMATAYAGAERLADVIKKEHRLAGAPKSL
;
_entity_poly.pdbx_strand_id   A,B
#
# COMPACT_ATOMS: atom_id res chain seq x y z
N ASN A 5 21.26 -22.01 -37.78
CA ASN A 5 21.89 -22.09 -36.43
C ASN A 5 21.38 -20.92 -35.55
N TYR A 6 21.76 -20.93 -34.31
CA TYR A 6 21.52 -19.89 -33.30
C TYR A 6 22.88 -19.47 -32.76
N THR A 7 22.97 -18.34 -32.10
CA THR A 7 24.20 -17.93 -31.42
C THR A 7 24.40 -18.83 -30.19
N PHE A 8 23.35 -18.99 -29.40
CA PHE A 8 23.34 -19.80 -28.16
C PHE A 8 22.14 -20.72 -28.17
N ILE A 9 22.31 -21.91 -27.62
CA ILE A 9 21.19 -22.81 -27.28
C ILE A 9 21.26 -23.07 -25.79
N ILE A 10 20.11 -22.90 -25.15
CA ILE A 10 19.96 -23.07 -23.70
C ILE A 10 19.02 -24.27 -23.47
N ALA A 11 19.51 -25.24 -22.73
CA ALA A 11 18.75 -26.44 -22.37
C ALA A 11 18.06 -26.18 -21.04
N GLY A 12 16.75 -25.93 -21.07
CA GLY A 12 15.95 -25.67 -19.87
C GLY A 12 15.55 -24.20 -19.80
N GLY A 13 14.25 -23.98 -19.78
CA GLY A 13 13.67 -22.65 -19.68
C GLY A 13 13.10 -22.39 -18.30
N GLY A 14 13.90 -22.63 -17.27
CA GLY A 14 13.56 -22.30 -15.89
C GLY A 14 14.12 -20.94 -15.50
N ILE A 15 14.30 -20.74 -14.21
CA ILE A 15 14.70 -19.41 -13.71
C ILE A 15 16.02 -19.03 -14.41
N SER A 16 17.01 -19.92 -14.33
CA SER A 16 18.35 -19.56 -14.83
C SER A 16 18.30 -19.41 -16.35
N GLY A 17 17.66 -20.32 -17.06
CA GLY A 17 17.69 -20.30 -18.52
C GLY A 17 16.99 -19.08 -19.08
N LEU A 18 15.82 -18.73 -18.54
CA LEU A 18 15.11 -17.56 -19.10
C LEU A 18 15.84 -16.27 -18.73
N THR A 19 16.38 -16.19 -17.50
CA THR A 19 17.12 -14.97 -17.13
C THR A 19 18.28 -14.75 -18.11
N LEU A 20 19.04 -15.82 -18.38
CA LEU A 20 20.16 -15.71 -19.31
C LEU A 20 19.66 -15.36 -20.71
N ALA A 21 18.65 -16.05 -21.20
CA ALA A 21 18.16 -15.81 -22.58
C ALA A 21 17.73 -14.35 -22.76
N ASP A 22 17.01 -13.84 -21.77
CA ASP A 22 16.59 -12.43 -21.76
C ASP A 22 17.81 -11.54 -21.97
N ARG A 23 18.76 -11.68 -21.05
CA ARG A 23 19.89 -10.75 -21.09
C ARG A 23 20.69 -10.90 -22.40
N LEU A 24 20.93 -12.11 -22.88
CA LEU A 24 21.71 -12.29 -24.13
C LEU A 24 21.02 -11.66 -25.32
N THR A 25 19.70 -11.71 -25.37
CA THR A 25 18.95 -11.20 -26.54
C THR A 25 18.77 -9.67 -26.44
N GLU A 26 19.28 -8.98 -25.42
CA GLU A 26 19.38 -7.51 -25.43
C GLU A 26 20.20 -7.04 -26.62
N ASP A 27 21.11 -7.89 -27.11
CA ASP A 27 21.88 -7.61 -28.35
C ASP A 27 21.11 -8.19 -29.51
N PRO A 28 20.59 -7.37 -30.43
CA PRO A 28 19.80 -7.86 -31.55
C PRO A 28 20.59 -8.78 -32.48
N ARG A 29 21.91 -8.74 -32.41
CA ARG A 29 22.78 -9.63 -33.24
C ARG A 29 22.92 -11.03 -32.63
N VAL A 30 22.37 -11.25 -31.43
CA VAL A 30 22.50 -12.54 -30.72
C VAL A 30 21.17 -13.26 -30.76
N THR A 31 21.16 -14.45 -31.33
CA THR A 31 19.94 -15.26 -31.33
C THR A 31 20.11 -16.37 -30.30
N VAL A 32 19.02 -16.70 -29.62
CA VAL A 32 19.01 -17.74 -28.57
C VAL A 32 17.82 -18.63 -28.81
N LEU A 33 18.05 -19.92 -28.69
CA LEU A 33 16.94 -20.89 -28.63
C LEU A 33 16.94 -21.51 -27.22
N VAL A 34 15.83 -21.36 -26.52
CA VAL A 34 15.59 -22.03 -25.23
C VAL A 34 14.72 -23.25 -25.52
N ILE A 35 15.21 -24.44 -25.18
CA ILE A 35 14.45 -25.70 -25.32
C ILE A 35 14.03 -26.12 -23.93
N GLU A 36 12.71 -26.18 -23.71
CA GLU A 36 12.15 -26.40 -22.37
C GLU A 36 11.27 -27.65 -22.38
N ALA A 37 11.46 -28.54 -21.42
CA ALA A 37 10.72 -29.80 -21.32
C ALA A 37 9.21 -29.62 -21.18
N GLY A 38 8.77 -28.64 -20.41
CA GLY A 38 7.35 -28.47 -20.16
C GLY A 38 6.72 -27.45 -21.08
N PRO A 39 5.40 -27.28 -20.93
CA PRO A 39 4.66 -26.33 -21.76
C PRO A 39 4.72 -24.93 -21.16
N LEU A 40 4.14 -23.99 -21.85
CA LEU A 40 3.75 -22.68 -21.30
C LEU A 40 2.62 -22.87 -20.32
N ASP A 41 2.69 -22.23 -19.14
CA ASP A 41 1.50 -22.20 -18.28
C ASP A 41 0.40 -21.38 -18.96
N ARG A 42 -0.83 -21.60 -18.50
CA ARG A 42 -2.04 -20.98 -19.09
C ARG A 42 -2.56 -19.83 -18.23
N GLY A 43 -1.75 -19.28 -17.34
CA GLY A 43 -2.22 -18.19 -16.46
C GLY A 43 -3.32 -18.66 -15.52
N GLU A 44 -3.33 -19.94 -15.17
CA GLU A 44 -4.30 -20.60 -14.27
C GLU A 44 -4.29 -19.82 -12.92
N ASP A 45 -5.41 -19.71 -12.25
CA ASP A 45 -5.41 -19.10 -10.89
CA ASP A 45 -5.52 -19.20 -10.87
C ASP A 45 -4.47 -19.85 -9.96
N GLY A 46 -4.34 -21.16 -10.11
CA GLY A 46 -3.43 -21.92 -9.23
C GLY A 46 -1.99 -21.57 -9.41
N ILE A 47 -1.65 -20.90 -10.49
CA ILE A 47 -0.33 -20.30 -10.72
C ILE A 47 -0.33 -18.84 -10.27
N LEU A 48 -1.24 -18.03 -10.78
CA LEU A 48 -1.09 -16.57 -10.59
C LEU A 48 -1.51 -16.07 -9.21
N VAL A 49 -2.51 -16.67 -8.58
CA VAL A 49 -3.13 -16.10 -7.35
C VAL A 49 -2.50 -16.81 -6.14
N PRO A 50 -1.87 -16.08 -5.20
CA PRO A 50 -1.18 -16.75 -4.08
C PRO A 50 -2.12 -17.68 -3.29
N GLY A 51 -3.32 -17.24 -2.97
CA GLY A 51 -4.21 -18.06 -2.13
C GLY A 51 -4.74 -19.28 -2.83
N ALA A 52 -4.65 -19.32 -4.15
CA ALA A 52 -5.10 -20.46 -4.96
C ALA A 52 -3.97 -21.45 -5.27
N PHE A 53 -2.77 -21.19 -4.78
CA PHE A 53 -1.55 -21.96 -5.07
C PHE A 53 -1.76 -23.46 -5.27
N SER A 54 -1.44 -23.94 -6.47
CA SER A 54 -1.60 -25.34 -6.92
CA SER A 54 -1.56 -25.38 -6.82
C SER A 54 -0.32 -25.83 -7.59
N PRO A 55 0.79 -26.06 -6.85
CA PRO A 55 2.08 -26.31 -7.52
C PRO A 55 2.07 -27.59 -8.39
N TRP A 56 1.21 -28.55 -8.08
CA TRP A 56 1.18 -29.89 -8.71
C TRP A 56 0.82 -29.80 -10.18
N LEU A 57 0.24 -28.65 -10.61
CA LEU A 57 -0.09 -28.44 -12.02
C LEU A 57 1.10 -28.73 -12.94
N TYR A 58 2.31 -28.57 -12.51
CA TYR A 58 3.47 -28.69 -13.42
C TYR A 58 4.65 -29.44 -12.77
N PHE A 59 4.36 -30.40 -11.91
CA PHE A 59 5.42 -31.28 -11.39
C PHE A 59 5.90 -32.22 -12.51
N TRP A 60 7.20 -32.45 -12.56
CA TRP A 60 7.79 -33.45 -13.48
C TRP A 60 7.23 -34.82 -13.12
N PRO A 61 6.65 -35.57 -14.05
CA PRO A 61 6.02 -36.86 -13.70
C PRO A 61 7.06 -37.99 -13.56
N GLY A 62 6.75 -38.94 -12.74
CA GLY A 62 7.44 -40.24 -12.76
C GLY A 62 8.81 -40.23 -12.10
N LEU A 63 9.05 -39.31 -11.18
CA LEU A 63 10.32 -39.30 -10.42
C LEU A 63 10.07 -39.78 -8.99
N VAL A 64 10.82 -40.79 -8.60
CA VAL A 64 10.72 -41.42 -7.27
CA VAL A 64 10.72 -41.36 -7.23
C VAL A 64 12.14 -41.61 -6.77
N SER A 65 12.35 -41.46 -5.49
CA SER A 65 13.69 -41.68 -4.90
C SER A 65 13.96 -43.19 -4.81
N THR A 66 15.22 -43.51 -4.63
CA THR A 66 15.61 -44.81 -4.07
C THR A 66 15.13 -44.89 -2.64
N PRO A 67 15.12 -46.08 -2.05
CA PRO A 67 14.90 -46.17 -0.61
C PRO A 67 15.95 -45.34 0.14
N GLN A 68 15.51 -44.58 1.12
CA GLN A 68 16.39 -43.60 1.79
C GLN A 68 16.94 -44.21 3.10
N ALA A 69 18.17 -44.66 3.05
CA ALA A 69 18.85 -45.40 4.13
C ALA A 69 18.79 -44.67 5.46
N GLY A 70 18.81 -43.33 5.43
CA GLY A 70 18.81 -42.50 6.63
C GLY A 70 17.41 -42.21 7.15
N LEU A 71 16.39 -42.62 6.41
CA LEU A 71 14.98 -42.36 6.75
C LEU A 71 14.17 -43.65 6.73
N ASN A 72 14.66 -44.69 7.39
CA ASN A 72 13.93 -45.96 7.52
C ASN A 72 13.63 -46.58 6.16
N ASN A 73 14.49 -46.36 5.19
CA ASN A 73 14.33 -46.95 3.84
C ASN A 73 13.06 -46.47 3.15
N ARG A 74 12.51 -45.35 3.56
CA ARG A 74 11.33 -44.78 2.84
CA ARG A 74 11.34 -44.77 2.85
C ARG A 74 11.71 -44.38 1.41
N THR A 75 10.76 -44.55 0.51
CA THR A 75 10.86 -43.96 -0.85
CA THR A 75 10.78 -44.04 -0.89
C THR A 75 9.92 -42.77 -0.91
N VAL A 76 10.39 -41.71 -1.57
CA VAL A 76 9.56 -40.48 -1.67
C VAL A 76 9.37 -40.11 -3.12
N ASP A 77 8.23 -39.50 -3.40
CA ASP A 77 8.05 -38.85 -4.70
C ASP A 77 9.01 -37.65 -4.77
N VAL A 78 9.62 -37.48 -5.93
CA VAL A 78 10.59 -36.42 -6.21
C VAL A 78 9.84 -35.29 -6.90
N ILE A 79 9.99 -34.09 -6.38
CA ILE A 79 9.24 -32.90 -6.83
C ILE A 79 10.20 -31.91 -7.48
N THR A 80 9.95 -31.61 -8.74
CA THR A 80 10.70 -30.56 -9.47
C THR A 80 9.83 -30.04 -10.59
N ALA A 81 10.10 -28.84 -11.08
CA ALA A 81 9.19 -28.22 -12.10
C ALA A 81 9.44 -28.83 -13.49
N GLN A 82 8.38 -28.85 -14.28
CA GLN A 82 8.43 -29.14 -15.72
C GLN A 82 7.50 -28.15 -16.45
N VAL A 83 8.00 -26.95 -16.70
CA VAL A 83 7.16 -25.87 -17.24
C VAL A 83 8.07 -24.70 -17.59
N VAL A 84 7.68 -23.91 -18.59
CA VAL A 84 8.38 -22.66 -18.84
C VAL A 84 8.33 -21.83 -17.57
N GLY A 85 9.50 -21.34 -17.14
CA GLY A 85 9.66 -20.62 -15.87
C GLY A 85 10.20 -21.52 -14.76
N GLY A 86 10.23 -22.81 -15.00
CA GLY A 86 10.78 -23.75 -14.05
C GLY A 86 10.18 -23.58 -12.68
N GLY A 87 11.02 -23.68 -11.67
CA GLY A 87 10.52 -23.66 -10.30
C GLY A 87 9.79 -22.36 -9.96
N SER A 88 10.16 -21.25 -10.61
CA SER A 88 9.47 -19.98 -10.30
C SER A 88 7.97 -20.05 -10.64
N THR A 89 7.59 -20.89 -11.58
CA THR A 89 6.17 -20.98 -11.98
C THR A 89 5.32 -21.63 -10.88
N ILE A 90 5.91 -22.54 -10.12
CA ILE A 90 5.11 -23.38 -9.17
C ILE A 90 5.67 -23.32 -7.75
N ASN A 91 6.62 -22.45 -7.46
CA ASN A 91 7.19 -22.42 -6.10
C ASN A 91 6.30 -21.61 -5.15
N ALA A 92 6.64 -21.62 -3.87
CA ALA A 92 5.87 -20.89 -2.86
C ALA A 92 6.23 -19.42 -2.82
N MET A 93 6.99 -18.91 -3.78
CA MET A 93 7.21 -17.46 -3.98
CA MET A 93 7.29 -17.48 -4.03
C MET A 93 8.13 -16.86 -2.89
N VAL A 94 8.75 -17.68 -2.06
CA VAL A 94 9.63 -17.18 -0.97
C VAL A 94 10.92 -16.67 -1.62
N TYR A 95 11.23 -15.41 -1.44
CA TYR A 95 12.30 -14.71 -2.18
C TYR A 95 13.31 -14.16 -1.17
N LEU A 96 14.39 -14.92 -0.98
CA LEU A 96 15.37 -14.63 0.07
C LEU A 96 16.76 -14.88 -0.48
N ARG A 97 17.68 -13.96 -0.25
CA ARG A 97 19.11 -14.15 -0.52
C ARG A 97 19.71 -15.05 0.57
N GLY A 98 20.83 -15.67 0.25
CA GLY A 98 21.64 -16.35 1.26
C GLY A 98 22.36 -15.33 2.16
N ASP A 99 23.23 -15.84 3.01
CA ASP A 99 24.01 -15.01 3.94
C ASP A 99 25.35 -14.70 3.31
N LYS A 100 26.05 -13.68 3.79
CA LYS A 100 27.31 -13.24 3.15
CA LYS A 100 27.30 -13.24 3.14
C LYS A 100 28.26 -14.42 2.97
N ASP A 101 28.46 -15.15 4.05
CA ASP A 101 29.48 -16.22 4.02
C ASP A 101 29.14 -17.34 3.05
N ASP A 102 27.87 -17.48 2.66
CA ASP A 102 27.59 -18.50 1.63
C ASP A 102 28.45 -18.20 0.39
N TYR A 103 28.36 -16.99 -0.10
CA TYR A 103 29.04 -16.61 -1.36
C TYR A 103 30.56 -16.50 -1.13
N ASP A 104 30.93 -15.93 0.01
CA ASP A 104 32.37 -15.85 0.35
C ASP A 104 32.97 -17.26 0.35
N SER A 105 32.23 -18.21 0.92
CA SER A 105 32.69 -19.62 1.01
CA SER A 105 32.77 -19.59 1.02
C SER A 105 32.87 -20.21 -0.39
N TRP A 106 31.91 -19.96 -1.27
CA TRP A 106 32.03 -20.49 -2.65
C TRP A 106 33.32 -19.93 -3.25
N GLY A 107 33.63 -18.69 -3.00
CA GLY A 107 34.87 -18.09 -3.53
C GLY A 107 36.10 -18.79 -2.94
N ALA A 108 36.10 -19.03 -1.63
CA ALA A 108 37.23 -19.65 -0.90
C ALA A 108 37.46 -21.10 -1.30
N LEU A 109 36.50 -21.76 -1.93
CA LEU A 109 36.66 -23.13 -2.46
C LEU A 109 37.56 -23.14 -3.71
N GLY A 110 37.95 -21.99 -4.22
CA GLY A 110 38.80 -21.87 -5.41
C GLY A 110 38.10 -21.25 -6.61
N ASN A 111 37.19 -20.31 -6.37
CA ASN A 111 36.40 -19.63 -7.43
C ASN A 111 36.63 -18.14 -7.40
N PRO A 112 37.63 -17.65 -8.15
CA PRO A 112 37.85 -16.22 -8.21
C PRO A 112 36.58 -15.48 -8.69
N GLY A 113 36.31 -14.33 -8.07
CA GLY A 113 35.23 -13.43 -8.50
C GLY A 113 33.93 -13.72 -7.80
N TRP A 114 33.95 -14.64 -6.84
CA TRP A 114 32.75 -15.08 -6.08
C TRP A 114 32.80 -14.63 -4.61
N SER A 115 31.85 -13.81 -4.18
CA SER A 115 31.79 -13.23 -2.83
C SER A 115 30.42 -12.58 -2.65
N TRP A 116 30.09 -12.25 -1.43
CA TRP A 116 28.91 -11.40 -1.20
C TRP A 116 29.05 -10.08 -1.95
N ASN A 117 30.22 -9.45 -1.86
CA ASN A 117 30.43 -8.14 -2.49
C ASN A 117 30.20 -8.26 -4.00
N SER A 118 30.65 -9.31 -4.66
CA SER A 118 30.51 -9.42 -6.12
C SER A 118 29.06 -9.77 -6.50
N MET A 119 28.35 -10.49 -5.63
CA MET A 119 26.95 -10.88 -5.91
C MET A 119 25.99 -9.70 -5.68
N LEU A 120 26.27 -8.82 -4.74
CA LEU A 120 25.30 -7.77 -4.35
C LEU A 120 24.82 -6.97 -5.55
N PRO A 121 25.68 -6.45 -6.44
CA PRO A 121 25.17 -5.66 -7.59
C PRO A 121 24.20 -6.48 -8.44
N TYR A 122 24.42 -7.77 -8.55
CA TYR A 122 23.54 -8.66 -9.35
C TYR A 122 22.23 -8.97 -8.63
N PHE A 123 22.25 -9.13 -7.31
CA PHE A 123 20.98 -9.18 -6.57
C PHE A 123 20.17 -7.91 -6.84
N ILE A 124 20.83 -6.75 -6.75
CA ILE A 124 20.14 -5.46 -6.96
C ILE A 124 19.63 -5.39 -8.40
N LYS A 125 20.47 -5.71 -9.37
CA LYS A 125 20.08 -5.61 -10.80
C LYS A 125 18.88 -6.49 -11.11
N SER A 126 18.76 -7.60 -10.40
CA SER A 126 17.77 -8.66 -10.76
C SER A 126 16.32 -8.24 -10.56
N GLU A 127 16.03 -7.19 -9.79
CA GLU A 127 14.74 -7.10 -9.12
C GLU A 127 14.24 -5.66 -8.95
N THR A 128 12.95 -5.56 -8.72
CA THR A 128 12.26 -4.35 -8.26
C THR A 128 11.48 -4.70 -7.02
N PHE A 129 11.88 -4.15 -5.88
CA PHE A 129 11.12 -4.28 -4.62
C PHE A 129 10.04 -3.18 -4.59
N THR A 130 8.82 -3.57 -4.30
CA THR A 130 7.74 -2.62 -4.04
C THR A 130 7.44 -2.62 -2.56
N PRO A 131 7.62 -1.49 -1.85
CA PRO A 131 7.31 -1.41 -0.43
CA PRO A 131 7.33 -1.49 -0.43
C PRO A 131 5.85 -1.72 -0.12
N PRO A 132 5.58 -2.32 1.04
CA PRO A 132 4.22 -2.45 1.55
C PRO A 132 3.67 -1.07 1.91
N SER A 133 2.38 -1.00 2.14
CA SER A 133 1.72 0.22 2.62
CA SER A 133 1.72 0.23 2.62
C SER A 133 2.27 0.57 3.99
N PRO A 134 2.33 1.86 4.34
CA PRO A 134 2.90 2.22 5.64
CA PRO A 134 2.85 2.29 5.64
C PRO A 134 2.11 1.68 6.84
N GLU A 135 0.79 1.55 6.71
CA GLU A 135 0.02 1.04 7.85
C GLU A 135 0.33 -0.44 8.07
N LEU A 136 0.53 -1.18 6.98
CA LEU A 136 0.84 -2.61 7.12
C LEU A 136 2.25 -2.75 7.67
N ALA A 137 3.19 -1.92 7.19
CA ALA A 137 4.57 -2.04 7.71
C ALA A 137 4.58 -1.78 9.20
N ALA A 138 3.88 -0.76 9.65
CA ALA A 138 3.85 -0.42 11.08
C ALA A 138 3.14 -1.54 11.88
N ALA A 139 1.95 -1.96 11.48
CA ALA A 139 1.16 -2.95 12.22
C ALA A 139 1.88 -4.29 12.18
N GLY A 140 2.50 -4.62 11.07
CA GLY A 140 3.07 -5.95 10.86
C GLY A 140 4.49 -6.14 11.29
N ASN A 141 5.19 -5.06 11.62
CA ASN A 141 6.65 -5.08 11.89
C ASN A 141 7.41 -5.46 10.62
N ILE A 142 7.03 -4.87 9.50
CA ILE A 142 7.72 -5.09 8.22
C ILE A 142 8.81 -4.02 8.12
N THR A 143 10.05 -4.44 7.99
CA THR A 143 11.21 -3.55 7.81
C THR A 143 12.05 -4.00 6.67
N TRP A 144 12.84 -3.07 6.14
CA TRP A 144 13.75 -3.37 5.03
C TRP A 144 14.81 -2.27 4.96
N ASP A 145 15.86 -2.53 4.22
CA ASP A 145 16.94 -1.56 3.93
C ASP A 145 16.85 -1.27 2.44
N GLY A 146 16.24 -0.16 2.09
CA GLY A 146 16.03 0.19 0.69
C GLY A 146 17.34 0.27 -0.10
N SER A 147 18.47 0.56 0.59
CA SER A 147 19.80 0.74 -0.04
C SER A 147 20.28 -0.53 -0.72
N ILE A 148 19.79 -1.68 -0.29
CA ILE A 148 20.31 -2.97 -0.81
C ILE A 148 19.21 -3.80 -1.48
N ARG A 149 18.05 -3.24 -1.74
CA ARG A 149 16.99 -3.89 -2.55
C ARG A 149 16.91 -3.19 -3.89
N GLY A 150 16.78 -3.95 -4.95
CA GLY A 150 16.72 -3.36 -6.30
C GLY A 150 15.45 -2.54 -6.53
N ARG A 151 15.55 -1.59 -7.43
CA ARG A 151 14.49 -0.62 -7.78
CA ARG A 151 14.40 -0.72 -7.76
C ARG A 151 14.11 -0.72 -9.26
N SER A 152 14.94 -1.33 -10.10
CA SER A 152 14.83 -1.20 -11.57
CA SER A 152 14.67 -1.22 -11.54
C SER A 152 14.79 -2.53 -12.32
N GLY A 153 14.99 -3.64 -11.63
CA GLY A 153 15.18 -4.91 -12.33
C GLY A 153 13.86 -5.65 -12.55
N PRO A 154 13.92 -6.73 -13.32
CA PRO A 154 12.68 -7.32 -13.78
C PRO A 154 11.85 -8.16 -12.83
N VAL A 155 12.47 -8.80 -11.85
CA VAL A 155 11.71 -9.65 -10.91
C VAL A 155 11.00 -8.75 -9.92
N ASN A 156 9.69 -8.73 -9.95
CA ASN A 156 8.94 -7.97 -8.94
C ASN A 156 8.89 -8.77 -7.64
N TYR A 157 9.07 -8.11 -6.50
CA TYR A 157 8.78 -8.74 -5.21
C TYR A 157 8.29 -7.68 -4.24
N SER A 158 7.53 -8.18 -3.26
CA SER A 158 6.87 -7.33 -2.27
C SER A 158 6.48 -8.21 -1.09
N TYR A 159 5.33 -7.93 -0.52
CA TYR A 159 4.73 -8.73 0.54
C TYR A 159 3.27 -8.88 0.27
N PRO A 160 2.61 -9.90 0.86
CA PRO A 160 1.15 -9.88 0.95
C PRO A 160 0.70 -8.57 1.61
N ASN A 161 -0.58 -8.23 1.44
CA ASN A 161 -1.12 -6.99 1.98
C ASN A 161 -2.04 -7.25 3.20
N TYR A 162 -1.82 -8.35 3.86
CA TYR A 162 -2.66 -8.83 4.96
C TYR A 162 -1.79 -9.76 5.79
N PHE A 163 -2.13 -9.90 7.08
CA PHE A 163 -1.55 -10.97 7.90
C PHE A 163 -2.68 -11.52 8.77
N PHE A 164 -2.60 -12.80 9.08
CA PHE A 164 -3.51 -13.46 10.02
C PHE A 164 -3.15 -13.02 11.44
N PRO A 165 -4.12 -12.83 12.34
CA PRO A 165 -3.79 -12.35 13.67
C PRO A 165 -2.82 -13.26 14.45
N GLY A 166 -2.93 -14.57 14.30
CA GLY A 166 -2.03 -15.49 15.04
C GLY A 166 -0.57 -15.27 14.70
N SER A 167 -0.27 -14.66 13.55
CA SER A 167 1.13 -14.38 13.20
C SER A 167 1.76 -13.45 14.26
N GLU A 168 0.95 -12.59 14.90
CA GLU A 168 1.40 -11.67 15.95
C GLU A 168 1.83 -12.50 17.17
N ASN A 169 0.97 -13.43 17.59
CA ASN A 169 1.32 -14.30 18.73
C ASN A 169 2.66 -14.98 18.45
N TRP A 170 2.83 -15.49 17.24
CA TRP A 170 4.03 -16.27 16.93
C TRP A 170 5.27 -15.36 16.92
N TRP A 171 5.17 -14.18 16.35
CA TRP A 171 6.28 -13.21 16.32
C TRP A 171 6.74 -12.93 17.75
N ASN A 172 5.77 -12.63 18.63
CA ASN A 172 6.13 -12.25 20.00
C ASN A 172 6.73 -13.45 20.74
N ALA A 173 6.22 -14.65 20.50
CA ALA A 173 6.75 -15.88 21.13
C ALA A 173 8.18 -16.11 20.65
N ALA A 174 8.41 -15.95 19.36
CA ALA A 174 9.77 -16.12 18.81
C ALA A 174 10.73 -15.13 19.49
N ASN A 175 10.31 -13.86 19.62
CA ASN A 175 11.15 -12.87 20.29
C ASN A 175 11.44 -13.30 21.74
N GLU A 176 10.46 -13.87 22.42
CA GLU A 176 10.56 -14.32 23.83
C GLU A 176 11.61 -15.44 23.97
N VAL A 177 11.88 -16.20 22.91
CA VAL A 177 12.84 -17.33 22.96
C VAL A 177 14.04 -17.09 22.07
N GLY A 178 14.46 -15.84 21.87
CA GLY A 178 15.80 -15.53 21.34
C GLY A 178 15.86 -15.39 19.84
N LEU A 179 14.73 -15.11 19.20
CA LEU A 179 14.69 -14.88 17.75
C LEU A 179 14.17 -13.45 17.57
N PRO A 180 15.08 -12.46 17.50
CA PRO A 180 14.66 -11.06 17.50
C PRO A 180 14.27 -10.58 16.12
N PRO A 181 13.65 -9.41 15.99
CA PRO A 181 13.36 -8.88 14.66
C PRO A 181 14.67 -8.65 13.90
N VAL A 182 14.64 -9.04 12.62
CA VAL A 182 15.73 -8.80 11.65
C VAL A 182 15.40 -7.59 10.79
N LYS A 183 16.30 -6.62 10.74
CA LYS A 183 16.00 -5.37 10.00
CA LYS A 183 16.03 -5.36 9.99
C LYS A 183 15.73 -5.71 8.53
N ASP A 184 16.61 -6.49 7.91
CA ASP A 184 16.42 -6.86 6.50
C ASP A 184 17.10 -8.20 6.24
N PRO A 185 16.36 -9.28 6.01
CA PRO A 185 16.98 -10.58 5.75
C PRO A 185 17.69 -10.66 4.40
N MET A 186 17.59 -9.61 3.59
CA MET A 186 18.27 -9.49 2.30
C MET A 186 19.65 -8.81 2.45
N ALA A 187 20.02 -8.41 3.66
CA ALA A 187 21.25 -7.62 3.89
C ALA A 187 22.45 -8.52 4.16
N GLY A 188 22.33 -9.84 4.04
CA GLY A 188 23.43 -10.75 4.23
C GLY A 188 23.49 -11.46 5.55
N SER A 189 22.48 -11.27 6.38
CA SER A 189 22.30 -12.00 7.64
C SER A 189 20.81 -11.99 7.94
N LYS A 190 20.35 -12.98 8.69
CA LYS A 190 18.90 -13.11 8.94
C LYS A 190 18.66 -13.84 10.26
N GLN A 191 19.33 -13.43 11.32
CA GLN A 191 19.23 -14.09 12.62
C GLN A 191 18.02 -13.61 13.40
N GLY A 192 16.92 -14.35 13.29
CA GLY A 192 15.69 -14.00 13.99
C GLY A 192 14.47 -14.08 13.08
N VAL A 193 13.51 -13.20 13.33
CA VAL A 193 12.21 -13.24 12.61
C VAL A 193 12.06 -12.01 11.71
N PHE A 194 11.34 -12.23 10.63
CA PHE A 194 11.13 -11.21 9.61
C PHE A 194 9.96 -11.62 8.74
N TRP A 195 9.36 -10.62 8.09
CA TRP A 195 8.42 -10.89 6.99
C TRP A 195 9.13 -11.59 5.81
N ILE A 196 8.42 -12.57 5.26
CA ILE A 196 8.90 -13.31 4.07
C ILE A 196 8.70 -12.42 2.85
N PRO A 197 9.76 -11.99 2.14
CA PRO A 197 9.57 -11.36 0.85
C PRO A 197 8.97 -12.36 -0.13
N SER A 198 8.03 -11.90 -0.96
CA SER A 198 7.30 -12.76 -1.88
C SER A 198 7.44 -12.26 -3.30
N ALA A 199 7.72 -13.14 -4.23
CA ALA A 199 7.91 -12.81 -5.66
C ALA A 199 6.56 -12.58 -6.36
N ILE A 200 5.89 -11.54 -5.87
CA ILE A 200 4.57 -11.08 -6.33
CA ILE A 200 4.61 -11.13 -6.47
C ILE A 200 4.74 -9.71 -7.00
N ASP A 201 3.97 -9.48 -8.06
CA ASP A 201 3.80 -8.17 -8.65
C ASP A 201 2.64 -7.47 -7.94
N ALA A 202 2.95 -6.43 -7.17
CA ALA A 202 1.96 -5.75 -6.34
C ALA A 202 0.96 -4.96 -7.17
N ARG A 203 1.18 -4.77 -8.45
CA ARG A 203 0.09 -4.06 -9.09
CA ARG A 203 0.20 -4.16 -9.41
C ARG A 203 -1.12 -4.94 -9.32
N THR A 204 -0.93 -6.23 -9.43
CA THR A 204 -2.05 -7.17 -9.63
C THR A 204 -2.14 -8.20 -8.51
N MET A 205 -1.22 -8.21 -7.56
CA MET A 205 -1.08 -9.27 -6.54
CA MET A 205 -1.17 -9.28 -6.54
C MET A 205 -1.13 -10.66 -7.20
N THR A 206 -0.26 -10.83 -8.17
CA THR A 206 -0.05 -12.08 -8.86
C THR A 206 1.42 -12.43 -8.91
N ARG A 207 1.70 -13.72 -9.09
CA ARG A 207 3.04 -14.28 -9.18
C ARG A 207 3.86 -13.53 -10.24
N SER A 208 5.08 -13.17 -9.90
CA SER A 208 6.09 -12.66 -10.86
C SER A 208 7.08 -13.78 -11.13
N HIS A 209 6.71 -14.73 -11.97
CA HIS A 209 7.58 -15.87 -12.31
C HIS A 209 8.43 -15.51 -13.54
N ALA A 210 9.42 -16.35 -13.80
CA ALA A 210 10.41 -16.07 -14.84
C ALA A 210 9.78 -16.07 -16.24
N ARG A 211 8.74 -16.86 -16.42
CA ARG A 211 7.91 -16.82 -17.65
CA ARG A 211 8.02 -16.81 -17.70
C ARG A 211 7.50 -15.39 -17.97
N ARG A 212 7.08 -14.65 -16.94
CA ARG A 212 6.58 -13.28 -17.10
C ARG A 212 7.77 -12.33 -17.15
N ASN A 213 8.62 -12.34 -16.13
CA ASN A 213 9.59 -11.26 -15.95
C ASN A 213 10.84 -11.43 -16.82
N HIS A 214 11.07 -12.59 -17.41
CA HIS A 214 12.25 -12.82 -18.27
C HIS A 214 11.87 -13.48 -19.59
N TYR A 215 10.59 -13.54 -19.93
CA TYR A 215 10.17 -13.97 -21.27
C TYR A 215 9.04 -13.07 -21.77
N ASP A 216 7.88 -13.12 -21.14
CA ASP A 216 6.76 -12.31 -21.68
C ASP A 216 7.18 -10.85 -21.85
N ARG A 217 7.88 -10.30 -20.86
CA ARG A 217 8.32 -8.89 -20.82
C ARG A 217 9.07 -8.51 -22.09
N VAL A 218 9.76 -9.47 -22.70
CA VAL A 218 10.68 -9.22 -23.82
C VAL A 218 10.32 -10.08 -25.04
N SER A 219 9.11 -10.64 -25.08
CA SER A 219 8.75 -11.65 -26.11
C SER A 219 8.42 -11.04 -27.46
N SER A 220 8.47 -9.74 -27.58
CA SER A 220 8.44 -9.11 -28.93
CA SER A 220 8.46 -9.07 -28.91
C SER A 220 9.76 -9.33 -29.68
N ARG A 221 10.82 -9.74 -28.99
CA ARG A 221 12.14 -9.90 -29.62
C ARG A 221 12.14 -11.12 -30.53
N PRO A 222 12.41 -10.95 -31.86
CA PRO A 222 12.46 -12.09 -32.76
C PRO A 222 13.67 -13.00 -32.58
N ASN A 223 14.66 -12.48 -31.87
CA ASN A 223 15.91 -13.21 -31.61
C ASN A 223 15.83 -14.08 -30.37
N TYR A 224 14.75 -14.01 -29.61
CA TYR A 224 14.55 -14.80 -28.39
C TYR A 224 13.56 -15.91 -28.74
N HIS A 225 14.09 -17.05 -29.10
CA HIS A 225 13.26 -18.18 -29.53
C HIS A 225 13.03 -19.15 -28.37
N ILE A 226 11.85 -19.70 -28.30
CA ILE A 226 11.55 -20.77 -27.32
CA ILE A 226 11.46 -20.73 -27.29
C ILE A 226 10.85 -21.94 -27.97
N LEU A 227 11.18 -23.11 -27.47
CA LEU A 227 10.57 -24.37 -27.90
C LEU A 227 10.14 -25.15 -26.67
N PRO A 228 8.90 -24.95 -26.22
CA PRO A 228 8.33 -25.71 -25.12
C PRO A 228 8.07 -27.16 -25.52
N SER A 229 7.88 -27.99 -24.51
CA SER A 229 7.47 -29.40 -24.65
C SER A 229 8.50 -30.23 -25.42
N HIS A 230 9.80 -29.87 -25.32
CA HIS A 230 10.88 -30.68 -25.90
C HIS A 230 12.03 -30.81 -24.91
N LEU A 231 12.68 -31.98 -25.00
CA LEU A 231 13.81 -32.35 -24.13
C LEU A 231 15.11 -32.30 -24.90
N VAL A 232 16.11 -31.65 -24.32
CA VAL A 232 17.49 -31.81 -24.81
C VAL A 232 18.00 -33.18 -24.35
N SER A 233 18.30 -34.04 -25.32
CA SER A 233 18.65 -35.46 -25.07
C SER A 233 20.16 -35.67 -25.14
N LYS A 234 20.90 -34.76 -25.74
CA LYS A 234 22.35 -34.96 -25.91
C LYS A 234 22.98 -33.64 -26.34
N ILE A 235 24.20 -33.42 -25.94
CA ILE A 235 25.07 -32.36 -26.50
C ILE A 235 25.86 -32.95 -27.66
N LEU A 236 25.98 -32.18 -28.74
CA LEU A 236 26.76 -32.58 -29.93
C LEU A 236 28.12 -31.86 -29.90
N PHE A 237 29.17 -32.58 -30.34
CA PHE A 237 30.55 -32.06 -30.30
C PHE A 237 31.23 -32.19 -31.66
N ARG A 238 32.18 -31.28 -31.88
CA ARG A 238 33.25 -31.45 -32.89
C ARG A 238 34.53 -31.47 -32.06
N GLY A 239 35.12 -32.64 -31.93
CA GLY A 239 36.19 -32.87 -30.96
C GLY A 239 35.72 -32.56 -29.56
N LYS A 240 36.35 -31.61 -28.90
CA LYS A 240 35.95 -31.22 -27.51
C LYS A 240 35.11 -29.96 -27.53
N GLN A 241 34.71 -29.47 -28.71
CA GLN A 241 33.87 -28.26 -28.80
C GLN A 241 32.40 -28.65 -28.82
N ALA A 242 31.63 -28.12 -27.89
CA ALA A 242 30.17 -28.28 -27.91
C ALA A 242 29.58 -27.41 -29.02
N ILE A 243 28.91 -28.01 -30.00
CA ILE A 243 28.45 -27.29 -31.21
C ILE A 243 26.94 -27.29 -31.33
N GLY A 244 26.24 -28.10 -30.56
CA GLY A 244 24.78 -28.24 -30.75
C GLY A 244 24.17 -29.17 -29.76
N VAL A 245 22.89 -29.43 -29.93
CA VAL A 245 22.18 -30.43 -29.14
C VAL A 245 21.27 -31.22 -30.04
N SER A 246 20.88 -32.39 -29.54
CA SER A 246 19.74 -33.16 -30.03
C SER A 246 18.57 -32.90 -29.09
N TYR A 247 17.37 -32.86 -29.66
CA TYR A 247 16.16 -32.75 -28.83
C TYR A 247 15.07 -33.66 -29.39
N ILE A 248 14.16 -34.00 -28.51
CA ILE A 248 13.05 -34.94 -28.72
C ILE A 248 11.80 -34.35 -28.11
N PRO A 249 10.61 -34.77 -28.55
CA PRO A 249 9.40 -34.35 -27.86
C PRO A 249 9.37 -34.96 -26.44
N THR A 250 8.96 -34.15 -25.48
CA THR A 250 8.85 -34.64 -24.09
C THR A 250 7.90 -35.83 -24.00
N SER A 251 6.85 -35.84 -24.84
CA SER A 251 5.80 -36.87 -24.81
C SER A 251 6.27 -38.19 -25.41
N GLY A 252 7.52 -38.27 -25.90
CA GLY A 252 8.12 -39.58 -26.18
C GLY A 252 7.95 -40.08 -27.61
N GLY A 253 7.61 -39.20 -28.55
CA GLY A 253 7.54 -39.63 -29.96
C GLY A 253 8.93 -39.94 -30.48
N ASN A 254 9.05 -40.93 -31.34
CA ASN A 254 10.32 -41.43 -31.91
C ASN A 254 10.80 -40.44 -32.98
N THR A 255 11.05 -39.21 -32.58
CA THR A 255 11.62 -38.16 -33.42
C THR A 255 12.84 -37.65 -32.67
N THR A 256 13.92 -37.38 -33.38
CA THR A 256 15.10 -36.67 -32.80
CA THR A 256 15.11 -36.68 -32.82
C THR A 256 15.57 -35.63 -33.84
N THR A 257 15.97 -34.46 -33.35
CA THR A 257 16.35 -33.32 -34.19
C THR A 257 17.63 -32.70 -33.65
N ASN A 258 18.55 -32.38 -34.53
CA ASN A 258 19.80 -31.68 -34.18
C ASN A 258 19.68 -30.19 -34.52
N VAL A 259 20.15 -29.36 -33.60
CA VAL A 259 20.23 -27.88 -33.77
CA VAL A 259 20.24 -27.89 -33.81
C VAL A 259 21.58 -27.41 -33.27
N TYR A 260 22.12 -26.36 -33.86
CA TYR A 260 23.53 -25.98 -33.67
C TYR A 260 23.65 -24.54 -33.23
N ALA A 261 24.68 -24.27 -32.43
CA ALA A 261 24.98 -22.93 -31.92
C ALA A 261 26.35 -22.47 -32.39
N SER A 262 26.46 -21.20 -32.78
CA SER A 262 27.75 -20.67 -33.26
C SER A 262 28.69 -20.32 -32.09
N LYS A 263 28.14 -20.00 -30.92
CA LYS A 263 29.01 -19.58 -29.78
C LYS A 263 29.00 -20.64 -28.67
N GLU A 264 27.88 -20.85 -27.98
CA GLU A 264 27.90 -21.79 -26.82
C GLU A 264 26.57 -22.52 -26.66
N ILE A 265 26.68 -23.65 -25.97
CA ILE A 265 25.56 -24.40 -25.37
C ILE A 265 25.58 -24.08 -23.88
N THR A 266 24.43 -23.71 -23.33
CA THR A 266 24.27 -23.49 -21.89
C THR A 266 23.30 -24.52 -21.32
N LEU A 267 23.71 -25.27 -20.31
CA LEU A 267 22.80 -26.15 -19.58
C LEU A 267 22.11 -25.36 -18.48
N ALA A 268 20.78 -25.47 -18.42
CA ALA A 268 19.97 -24.77 -17.39
C ALA A 268 18.83 -25.70 -16.99
N ALA A 269 19.10 -27.00 -16.94
CA ALA A 269 18.07 -28.04 -16.80
C ALA A 269 17.83 -28.47 -15.37
N GLY A 270 18.44 -27.74 -14.42
CA GLY A 270 18.19 -27.95 -13.00
C GLY A 270 19.06 -29.02 -12.37
N GLY A 271 19.00 -29.07 -11.06
CA GLY A 271 19.78 -30.04 -10.30
C GLY A 271 19.57 -31.49 -10.74
N LEU A 272 18.35 -31.83 -11.17
CA LEU A 272 18.00 -33.20 -11.56
C LEU A 272 17.99 -33.40 -13.09
N GLY A 273 18.24 -32.35 -13.86
CA GLY A 273 18.21 -32.44 -15.31
C GLY A 273 19.59 -32.23 -15.94
N THR A 274 20.37 -31.28 -15.47
CA THR A 274 21.69 -30.99 -16.04
C THR A 274 22.62 -32.18 -15.98
N PRO A 275 22.76 -32.88 -14.82
CA PRO A 275 23.68 -33.99 -14.80
C PRO A 275 23.32 -35.08 -15.81
N LYS A 276 22.03 -35.29 -16.03
CA LYS A 276 21.55 -36.31 -17.00
C LYS A 276 21.97 -35.90 -18.41
N ILE A 277 21.84 -34.65 -18.79
CA ILE A 277 22.27 -34.25 -20.15
C ILE A 277 23.78 -34.50 -20.24
N LEU A 278 24.53 -34.12 -19.21
CA LEU A 278 26.00 -34.28 -19.27
C LEU A 278 26.34 -35.78 -19.39
N GLN A 279 25.75 -36.64 -18.56
CA GLN A 279 26.12 -38.07 -18.54
C GLN A 279 25.72 -38.71 -19.89
N LEU A 280 24.55 -38.40 -20.43
CA LEU A 280 24.13 -38.99 -21.72
C LEU A 280 25.09 -38.54 -22.82
N SER A 281 25.71 -37.40 -22.66
CA SER A 281 26.63 -36.77 -23.63
C SER A 281 28.07 -37.26 -23.49
N GLY A 282 28.35 -38.13 -22.53
CA GLY A 282 29.73 -38.60 -22.30
C GLY A 282 30.55 -37.70 -21.39
N ILE A 283 29.88 -36.86 -20.60
CA ILE A 283 30.57 -35.99 -19.61
C ILE A 283 30.12 -36.47 -18.24
N GLY A 284 31.00 -37.14 -17.54
CA GLY A 284 30.58 -37.76 -16.30
C GLY A 284 31.61 -38.79 -15.87
N PRO A 285 31.29 -39.59 -14.83
CA PRO A 285 32.22 -40.55 -14.30
C PRO A 285 32.46 -41.68 -15.32
N ARG A 286 33.71 -41.96 -15.64
CA ARG A 286 33.98 -43.01 -16.65
C ARG A 286 33.38 -44.36 -16.18
N LYS A 287 33.34 -44.65 -14.89
CA LYS A 287 32.76 -45.95 -14.44
C LYS A 287 31.33 -46.10 -14.94
N LEU A 288 30.49 -45.11 -14.66
CA LEU A 288 29.07 -45.13 -15.10
C LEU A 288 28.99 -45.14 -16.65
N LEU A 289 29.77 -44.28 -17.29
CA LEU A 289 29.65 -44.12 -18.76
C LEU A 289 30.13 -45.42 -19.44
N ASN A 290 31.17 -46.03 -18.91
CA ASN A 290 31.67 -47.33 -19.45
C ASN A 290 30.62 -48.42 -19.26
N GLU A 291 29.96 -48.48 -18.09
CA GLU A 291 28.93 -49.52 -17.79
CA GLU A 291 28.96 -49.56 -17.84
C GLU A 291 27.80 -49.42 -18.84
N LEU A 292 27.48 -48.20 -19.26
CA LEU A 292 26.33 -47.96 -20.17
C LEU A 292 26.78 -47.89 -21.62
N GLY A 293 28.07 -48.03 -21.90
CA GLY A 293 28.60 -47.96 -23.27
C GLY A 293 28.60 -46.58 -23.88
N ILE A 294 28.61 -45.56 -23.06
CA ILE A 294 28.62 -44.17 -23.56
C ILE A 294 30.07 -43.75 -23.74
N PRO A 295 30.50 -43.33 -24.93
CA PRO A 295 31.87 -42.87 -25.11
C PRO A 295 32.17 -41.68 -24.20
N VAL A 296 33.35 -41.69 -23.61
CA VAL A 296 33.75 -40.65 -22.65
C VAL A 296 34.35 -39.47 -23.40
N ILE A 297 33.68 -38.32 -23.35
CA ILE A 297 34.17 -37.02 -23.86
C ILE A 297 35.00 -36.30 -22.77
N SER A 298 34.50 -36.29 -21.54
CA SER A 298 35.23 -35.67 -20.41
C SER A 298 34.92 -36.47 -19.15
N ASP A 299 35.97 -37.07 -18.60
CA ASP A 299 35.85 -37.93 -17.43
C ASP A 299 35.81 -37.05 -16.18
N LEU A 300 34.61 -36.78 -15.70
CA LEU A 300 34.34 -35.88 -14.56
C LEU A 300 33.54 -36.62 -13.51
N PRO A 301 34.22 -37.19 -12.50
CA PRO A 301 33.50 -37.97 -11.51
C PRO A 301 32.49 -37.17 -10.68
N GLY A 302 32.56 -35.86 -10.67
CA GLY A 302 31.63 -35.02 -9.88
C GLY A 302 30.25 -34.95 -10.53
N VAL A 303 30.07 -35.35 -11.79
CA VAL A 303 28.74 -35.14 -12.41
C VAL A 303 27.74 -36.11 -11.78
N GLY A 304 26.72 -35.55 -11.15
CA GLY A 304 25.71 -36.37 -10.47
C GLY A 304 26.04 -36.64 -9.01
N GLN A 305 27.23 -36.28 -8.59
CA GLN A 305 27.60 -36.36 -7.17
C GLN A 305 27.13 -35.09 -6.47
N ASN A 306 27.19 -35.09 -5.14
CA ASN A 306 27.07 -33.85 -4.36
C ASN A 306 25.63 -33.32 -4.33
N LEU A 307 24.63 -34.17 -4.61
CA LEU A 307 23.25 -33.69 -4.57
C LEU A 307 22.92 -33.23 -3.16
N GLN A 308 22.27 -32.09 -3.08
CA GLN A 308 21.75 -31.54 -1.83
C GLN A 308 20.34 -31.02 -2.02
N ASP A 309 19.63 -30.98 -0.91
CA ASP A 309 18.32 -30.32 -0.81
C ASP A 309 18.24 -29.74 0.59
N GLN A 310 17.06 -29.26 0.96
CA GLN A 310 16.86 -28.65 2.30
C GLN A 310 15.64 -29.33 2.89
N PRO A 311 15.86 -30.39 3.69
CA PRO A 311 14.77 -31.18 4.25
C PRO A 311 13.75 -30.36 5.00
N THR A 312 12.53 -30.94 5.05
CA THR A 312 11.41 -30.35 5.76
C THR A 312 10.77 -31.30 6.76
N LEU A 313 10.18 -30.69 7.77
CA LEU A 313 9.43 -31.42 8.79
C LEU A 313 8.16 -30.63 9.07
N THR A 314 7.03 -31.34 9.03
CA THR A 314 5.72 -30.78 9.35
C THR A 314 5.27 -31.34 10.70
N ILE A 315 5.10 -30.46 11.67
CA ILE A 315 4.74 -30.85 13.07
C ILE A 315 3.27 -30.52 13.25
N PRO A 316 2.41 -31.52 13.54
CA PRO A 316 0.98 -31.29 13.73
C PRO A 316 0.65 -30.81 15.14
N TYR A 317 -0.36 -29.94 15.22
CA TYR A 317 -0.82 -29.34 16.49
C TYR A 317 -2.34 -29.44 16.60
N THR A 318 -2.80 -29.44 17.84
CA THR A 318 -4.22 -29.10 18.13
C THR A 318 -4.18 -27.85 19.00
N PHE A 319 -5.25 -27.12 19.03
CA PHE A 319 -5.32 -25.87 19.83
C PHE A 319 -6.65 -25.90 20.59
N THR A 320 -6.62 -25.41 21.83
CA THR A 320 -7.87 -25.17 22.60
C THR A 320 -8.45 -23.79 22.32
N ASN A 321 -7.63 -22.88 21.79
CA ASN A 321 -8.06 -21.45 21.72
C ASN A 321 -7.37 -20.74 20.58
N ASN A 322 -7.32 -21.35 19.40
CA ASN A 322 -6.69 -20.65 18.25
C ASN A 322 -7.58 -19.46 17.90
N VAL A 323 -6.96 -18.43 17.33
CA VAL A 323 -7.63 -17.17 16.95
C VAL A 323 -8.20 -17.32 15.53
N PHE A 324 -9.32 -16.67 15.32
CA PHE A 324 -10.01 -16.55 14.03
C PHE A 324 -9.78 -15.15 13.48
N PRO A 325 -9.58 -14.99 12.16
CA PRO A 325 -9.37 -16.06 11.20
C PRO A 325 -7.91 -16.54 11.17
N ASN A 326 -7.72 -17.69 10.55
CA ASN A 326 -6.36 -18.26 10.38
C ASN A 326 -6.33 -18.97 9.04
N THR A 327 -5.19 -19.49 8.64
CA THR A 327 -5.08 -20.08 7.31
C THR A 327 -6.07 -21.21 7.15
N ASP A 328 -6.35 -21.96 8.19
CA ASP A 328 -7.27 -23.12 8.07
C ASP A 328 -8.72 -22.66 7.93
N SER A 329 -9.01 -21.43 8.26
CA SER A 329 -10.36 -20.88 8.00
C SER A 329 -10.69 -20.94 6.52
N LEU A 330 -9.69 -20.77 5.65
CA LEU A 330 -9.92 -20.86 4.19
C LEU A 330 -10.44 -22.25 3.79
N THR A 331 -10.01 -23.29 4.47
CA THR A 331 -10.41 -24.66 4.08
CA THR A 331 -10.36 -24.70 4.18
C THR A 331 -11.64 -25.14 4.88
N THR A 332 -11.86 -24.66 6.09
CA THR A 332 -12.96 -25.21 6.90
C THR A 332 -14.13 -24.26 7.06
N ASN A 333 -14.05 -23.06 6.52
CA ASN A 333 -15.15 -22.07 6.63
C ASN A 333 -15.46 -21.55 5.23
N ALA A 334 -16.45 -22.14 4.58
CA ALA A 334 -16.79 -21.79 3.18
C ALA A 334 -17.17 -20.32 3.05
N THR A 335 -17.79 -19.76 4.06
CA THR A 335 -18.23 -18.36 4.05
C THR A 335 -16.97 -17.48 4.06
N TYR A 336 -16.09 -17.74 4.98
CA TYR A 336 -14.84 -16.96 5.05
C TYR A 336 -14.07 -17.09 3.72
N ASN A 337 -13.91 -18.28 3.20
CA ASN A 337 -13.19 -18.50 1.94
C ASN A 337 -13.85 -17.65 0.85
N ALA A 338 -15.16 -17.74 0.72
CA ALA A 338 -15.87 -17.00 -0.35
C ALA A 338 -15.69 -15.49 -0.15
N GLU A 339 -15.78 -15.03 1.06
CA GLU A 339 -15.67 -13.57 1.32
C GLU A 339 -14.24 -13.10 1.04
N GLN A 340 -13.23 -13.87 1.41
CA GLN A 340 -11.87 -13.48 1.12
C GLN A 340 -11.63 -13.54 -0.39
N ARG A 341 -12.17 -14.51 -1.10
CA ARG A 341 -11.97 -14.56 -2.56
C ARG A 341 -12.68 -13.39 -3.21
N ALA A 342 -13.88 -13.04 -2.76
CA ALA A 342 -14.63 -11.90 -3.33
C ALA A 342 -13.81 -10.62 -3.08
N LEU A 343 -13.25 -10.48 -1.88
CA LEU A 343 -12.44 -9.32 -1.50
C LEU A 343 -11.24 -9.19 -2.45
N TYR A 344 -10.55 -10.30 -2.67
CA TYR A 344 -9.40 -10.30 -3.61
C TYR A 344 -9.85 -9.89 -5.02
N ASP A 345 -10.92 -10.50 -5.47
CA ASP A 345 -11.42 -10.27 -6.85
C ASP A 345 -11.79 -8.79 -7.04
N SER A 346 -12.31 -8.14 -6.00
CA SER A 346 -12.77 -6.73 -6.06
C SER A 346 -11.60 -5.78 -5.91
N SER A 347 -10.95 -5.77 -4.73
CA SER A 347 -9.95 -4.75 -4.38
C SER A 347 -8.55 -5.32 -4.15
N LYS A 348 -8.33 -6.60 -4.43
CA LYS A 348 -7.03 -7.28 -4.35
C LYS A 348 -6.47 -7.24 -2.94
N GLN A 349 -7.37 -7.25 -1.95
CA GLN A 349 -7.00 -7.27 -0.52
C GLN A 349 -7.16 -8.69 0.05
N GLY A 350 -6.48 -8.91 1.18
CA GLY A 350 -6.84 -9.99 2.11
C GLY A 350 -6.05 -11.29 1.95
N ALA A 351 -6.65 -12.36 2.48
CA ALA A 351 -5.93 -13.63 2.66
C ALA A 351 -5.45 -14.24 1.38
N TYR A 352 -6.11 -13.97 0.24
CA TYR A 352 -5.69 -14.56 -1.03
C TYR A 352 -4.38 -13.93 -1.53
N THR A 353 -3.82 -12.91 -0.90
CA THR A 353 -2.49 -12.38 -1.28
C THR A 353 -1.33 -13.17 -0.64
N ILE A 354 -1.65 -14.07 0.27
CA ILE A 354 -0.66 -14.92 0.97
C ILE A 354 -0.68 -16.26 0.24
N VAL A 355 0.49 -16.85 0.01
CA VAL A 355 0.52 -18.20 -0.59
C VAL A 355 -0.23 -19.16 0.34
N ASN A 356 -1.10 -19.97 -0.25
CA ASN A 356 -1.99 -20.88 0.51
C ASN A 356 -1.19 -21.76 1.48
N SER A 357 -1.68 -21.78 2.71
CA SER A 357 -1.14 -22.55 3.84
C SER A 357 0.04 -21.88 4.52
N LEU A 358 0.62 -20.82 3.95
CA LEU A 358 1.78 -20.05 4.51
CA LEU A 358 1.73 -20.17 4.67
C LEU A 358 1.22 -18.94 5.39
N SER A 359 2.06 -18.43 6.27
CA SER A 359 1.84 -17.16 6.95
C SER A 359 2.84 -16.12 6.37
N THR A 360 2.99 -15.03 7.07
CA THR A 360 3.68 -13.86 6.55
C THR A 360 5.08 -13.69 7.15
N ASN A 361 5.39 -14.33 8.27
CA ASN A 361 6.69 -14.16 8.96
C ASN A 361 7.36 -15.52 9.06
N ILE A 362 8.64 -15.50 9.41
CA ILE A 362 9.43 -16.73 9.47
C ILE A 362 10.61 -16.41 10.39
N GLY A 363 11.29 -17.47 10.83
CA GLY A 363 12.49 -17.34 11.62
C GLY A 363 13.63 -18.18 11.08
N VAL A 364 14.84 -17.65 11.20
CA VAL A 364 16.06 -18.37 10.80
C VAL A 364 17.03 -18.28 11.96
N MET A 365 17.80 -19.34 12.14
CA MET A 365 18.74 -19.37 13.27
C MET A 365 20.04 -20.07 12.92
N SER A 366 21.12 -19.51 13.44
CA SER A 366 22.44 -20.16 13.46
C SER A 366 22.41 -21.37 14.39
N LEU A 367 23.46 -22.19 14.30
CA LEU A 367 23.57 -23.35 15.21
C LEU A 367 23.64 -22.91 16.67
N GLN A 368 24.41 -21.86 16.95
CA GLN A 368 24.50 -21.41 18.36
C GLN A 368 23.18 -20.79 18.83
N ARG A 369 22.41 -20.18 17.95
CA ARG A 369 21.12 -19.63 18.35
C ARG A 369 20.13 -20.77 18.59
N ALA A 370 20.18 -21.84 17.79
CA ALA A 370 19.31 -23.00 18.04
C ALA A 370 19.69 -23.69 19.35
N ALA A 371 20.97 -23.89 19.56
CA ALA A 371 21.54 -24.81 20.55
C ALA A 371 22.61 -24.11 21.35
N PRO A 372 22.26 -23.05 22.12
CA PRO A 372 23.30 -22.29 22.78
C PRO A 372 24.10 -23.10 23.80
N LYS A 373 23.49 -24.14 24.37
CA LYS A 373 24.12 -24.94 25.44
C LYS A 373 24.88 -26.13 24.86
N SER A 374 24.74 -26.46 23.59
CA SER A 374 25.32 -27.71 23.07
C SER A 374 25.95 -27.56 21.67
N TYR A 375 25.90 -26.40 21.01
CA TYR A 375 26.41 -26.35 19.61
C TYR A 375 27.88 -26.77 19.52
N ARG A 376 28.70 -26.51 20.54
CA ARG A 376 30.13 -26.88 20.55
CA ARG A 376 30.13 -26.88 20.44
C ARG A 376 30.28 -28.41 20.51
N GLN A 377 29.34 -29.11 21.13
CA GLN A 377 29.35 -30.60 21.14
C GLN A 377 29.05 -31.14 19.74
N ILE A 378 28.11 -30.52 19.04
CA ILE A 378 27.76 -30.91 17.65
C ILE A 378 28.96 -30.63 16.75
N ILE A 379 29.57 -29.44 16.88
CA ILE A 379 30.74 -29.07 16.08
C ILE A 379 31.87 -30.08 16.35
N ALA A 380 32.10 -30.46 17.60
CA ALA A 380 33.18 -31.41 17.92
C ALA A 380 32.92 -32.74 17.24
N ALA A 381 31.69 -33.25 17.31
CA ALA A 381 31.39 -34.53 16.64
C ALA A 381 31.66 -34.41 15.17
N ALA A 382 31.23 -33.30 14.57
CA ALA A 382 31.40 -33.16 13.12
C ALA A 382 32.89 -33.03 12.76
N ARG A 383 33.67 -32.30 13.57
CA ARG A 383 35.12 -32.12 13.36
CA ARG A 383 35.11 -32.12 13.30
C ARG A 383 35.84 -33.46 13.49
N ALA A 384 35.37 -34.29 14.41
CA ALA A 384 36.07 -35.55 14.70
C ALA A 384 35.92 -36.55 13.55
N ARG A 385 34.80 -36.53 12.86
CA ARG A 385 34.44 -37.51 11.85
C ARG A 385 35.07 -37.16 10.51
N SER A 386 35.83 -38.10 9.98
CA SER A 386 36.40 -37.98 8.63
CA SER A 386 36.42 -37.94 8.63
C SER A 386 35.32 -37.66 7.61
N ALA A 387 35.59 -36.70 6.76
CA ALA A 387 34.61 -36.34 5.72
C ALA A 387 34.22 -37.59 4.92
N SER A 388 35.17 -38.50 4.66
CA SER A 388 34.93 -39.66 3.80
C SER A 388 33.78 -40.54 4.32
N LEU A 389 33.49 -40.52 5.62
CA LEU A 389 32.44 -41.37 6.21
C LEU A 389 31.07 -40.96 5.66
N SER A 390 30.93 -39.76 5.12
CA SER A 390 29.61 -39.29 4.62
C SER A 390 29.33 -39.77 3.21
N LEU A 391 30.30 -40.40 2.57
CA LEU A 391 30.19 -40.83 1.16
C LEU A 391 30.47 -42.34 1.15
N PRO A 392 29.95 -43.09 0.17
CA PRO A 392 30.23 -44.53 0.11
C PRO A 392 31.70 -44.81 -0.09
N PRO A 393 32.23 -45.96 0.43
CA PRO A 393 33.59 -46.37 0.13
C PRO A 393 33.72 -46.44 -1.39
N GLY A 394 34.90 -46.11 -1.90
CA GLY A 394 35.12 -46.13 -3.35
C GLY A 394 34.60 -44.89 -4.03
N THR A 395 34.02 -43.92 -3.32
CA THR A 395 33.76 -42.61 -3.93
C THR A 395 35.09 -42.07 -4.45
N ASP A 396 35.04 -41.45 -5.63
CA ASP A 396 36.26 -40.91 -6.26
C ASP A 396 37.01 -40.00 -5.28
N PRO A 397 38.34 -40.16 -5.13
CA PRO A 397 39.07 -39.32 -4.20
CA PRO A 397 39.11 -39.32 -4.23
C PRO A 397 39.00 -37.82 -4.45
N ALA A 398 38.82 -37.38 -5.70
CA ALA A 398 38.65 -35.94 -5.96
C ALA A 398 37.30 -35.47 -5.38
N VAL A 399 36.26 -36.26 -5.55
CA VAL A 399 34.91 -35.94 -5.01
C VAL A 399 35.03 -35.88 -3.49
N ILE A 400 35.76 -36.78 -2.85
CA ILE A 400 35.95 -36.73 -1.38
C ILE A 400 36.66 -35.43 -1.00
N ARG A 401 37.72 -35.06 -1.71
CA ARG A 401 38.47 -33.83 -1.38
C ARG A 401 37.55 -32.59 -1.46
N GLY A 402 36.69 -32.51 -2.47
CA GLY A 402 35.76 -31.39 -2.57
C GLY A 402 34.72 -31.41 -1.47
N TYR A 403 34.24 -32.58 -1.12
CA TYR A 403 33.30 -32.72 0.00
C TYR A 403 33.98 -32.27 1.30
N GLN A 404 35.21 -32.69 1.52
CA GLN A 404 35.92 -32.25 2.73
CA GLN A 404 35.97 -32.26 2.72
C GLN A 404 36.06 -30.73 2.78
N ALA A 405 36.33 -30.10 1.64
CA ALA A 405 36.46 -28.64 1.58
C ALA A 405 35.09 -28.00 1.90
N GLN A 406 34.03 -28.51 1.32
CA GLN A 406 32.69 -27.98 1.67
C GLN A 406 32.39 -28.15 3.16
N ARG A 407 32.69 -29.32 3.66
CA ARG A 407 32.40 -29.67 5.06
C ARG A 407 33.16 -28.71 5.98
N ASN A 408 34.43 -28.44 5.69
CA ASN A 408 35.20 -27.51 6.52
C ASN A 408 34.57 -26.11 6.47
N ALA A 409 34.11 -25.69 5.31
CA ALA A 409 33.46 -24.37 5.21
C ALA A 409 32.16 -24.37 6.03
N ILE A 410 31.40 -25.45 6.00
CA ILE A 410 30.11 -25.54 6.73
C ILE A 410 30.39 -25.61 8.23
N LEU A 411 31.44 -26.25 8.66
CA LEU A 411 31.74 -26.26 10.09
C LEU A 411 32.12 -24.85 10.55
N LYS A 412 32.83 -24.06 9.74
CA LYS A 412 33.03 -22.64 10.09
C LYS A 412 31.68 -21.93 10.15
N GLN A 413 30.76 -22.24 9.25
CA GLN A 413 29.42 -21.66 9.36
C GLN A 413 28.71 -22.06 10.65
N PHE A 414 28.87 -23.30 11.10
CA PHE A 414 28.27 -23.75 12.35
C PHE A 414 28.77 -22.92 13.55
N GLU A 415 30.03 -22.43 13.45
CA GLU A 415 30.66 -21.60 14.51
CA GLU A 415 30.59 -21.62 14.55
C GLU A 415 30.21 -20.14 14.38
N ASN A 416 29.67 -19.73 13.26
CA ASN A 416 29.40 -18.33 12.91
C ASN A 416 28.02 -17.95 13.44
N PRO A 417 27.92 -16.92 14.31
CA PRO A 417 26.62 -16.54 14.83
C PRO A 417 25.72 -15.92 13.74
N ASN A 418 26.28 -15.59 12.58
CA ASN A 418 25.56 -14.84 11.54
C ASN A 418 25.29 -15.68 10.30
N VAL A 419 25.31 -17.01 10.40
CA VAL A 419 24.90 -17.90 9.31
C VAL A 419 23.77 -18.83 9.80
N GLY A 420 22.69 -18.90 9.04
CA GLY A 420 21.57 -19.77 9.37
C GLY A 420 21.84 -21.22 9.05
N VAL A 421 21.28 -22.13 9.85
CA VAL A 421 21.27 -23.57 9.58
C VAL A 421 19.84 -24.15 9.54
N GLY A 422 18.83 -23.40 9.96
CA GLY A 422 17.47 -23.93 10.00
C GLY A 422 16.46 -22.80 10.07
N THR A 423 15.23 -23.18 9.77
CA THR A 423 14.07 -22.26 9.65
CA THR A 423 14.13 -22.22 9.79
C THR A 423 12.96 -22.78 10.58
N VAL A 424 12.18 -21.86 11.12
CA VAL A 424 10.91 -22.18 11.80
C VAL A 424 9.82 -21.29 11.16
N HIS A 425 8.65 -21.90 10.95
CA HIS A 425 7.48 -21.20 10.39
C HIS A 425 6.22 -21.78 11.03
N TRP A 426 5.23 -20.93 11.18
CA TRP A 426 3.88 -21.41 11.54
C TRP A 426 2.87 -20.73 10.58
N GLY A 427 2.14 -21.55 9.85
CA GLY A 427 1.16 -21.02 8.91
C GLY A 427 -0.06 -20.37 9.55
N THR A 428 -0.22 -20.54 10.84
CA THR A 428 -1.36 -20.06 11.72
C THR A 428 -2.42 -21.13 11.91
N GLY A 429 -2.26 -22.30 11.30
CA GLY A 429 -3.21 -23.41 11.41
C GLY A 429 -2.60 -24.62 12.10
N SER A 430 -2.93 -25.79 11.59
CA SER A 430 -2.71 -27.06 12.30
C SER A 430 -1.30 -27.58 12.22
N SER A 431 -0.37 -26.88 11.60
CA SER A 431 0.99 -27.42 11.55
C SER A 431 2.04 -26.33 11.54
N ALA A 432 3.20 -26.70 12.06
CA ALA A 432 4.41 -25.87 11.99
C ALA A 432 5.38 -26.53 11.00
N LEU A 433 6.28 -25.73 10.45
CA LEU A 433 7.31 -26.23 9.50
C LEU A 433 8.69 -25.89 10.03
N VAL A 434 9.56 -26.89 10.01
CA VAL A 434 10.96 -26.73 10.42
C VAL A 434 11.81 -27.24 9.28
N TYR A 435 12.67 -26.37 8.74
CA TYR A 435 13.53 -26.72 7.60
C TYR A 435 15.00 -26.80 8.02
N HIS A 436 15.68 -27.77 7.46
CA HIS A 436 17.14 -27.97 7.70
C HIS A 436 17.88 -27.41 6.50
N LEU A 437 18.56 -26.29 6.67
CA LEU A 437 19.13 -25.54 5.53
C LEU A 437 20.50 -26.05 5.09
N LYS A 438 21.26 -26.63 6.02
CA LYS A 438 22.71 -26.88 5.85
C LYS A 438 23.05 -28.33 6.12
N PRO A 439 22.43 -29.28 5.39
CA PRO A 439 22.81 -30.65 5.59
C PRO A 439 24.26 -30.94 5.19
N LEU A 440 24.88 -31.84 5.97
CA LEU A 440 26.19 -32.38 5.65
C LEU A 440 26.04 -33.64 4.79
N SER A 441 24.84 -34.23 4.74
CA SER A 441 24.63 -35.40 3.88
C SER A 441 24.70 -34.98 2.41
N ARG A 442 25.11 -35.94 1.56
CA ARG A 442 25.21 -35.73 0.12
C ARG A 442 24.63 -36.92 -0.62
N GLY A 443 23.87 -36.64 -1.66
CA GLY A 443 23.23 -37.68 -2.47
C GLY A 443 23.78 -37.79 -3.89
N THR A 444 23.05 -38.49 -4.74
CA THR A 444 23.45 -38.75 -6.13
C THR A 444 22.26 -38.67 -7.06
N VAL A 445 22.55 -38.31 -8.29
CA VAL A 445 21.57 -38.46 -9.39
CA VAL A 445 21.59 -38.32 -9.44
C VAL A 445 22.32 -38.93 -10.64
N ASN A 446 22.01 -40.16 -11.02
CA ASN A 446 22.74 -40.87 -12.11
C ASN A 446 21.74 -41.43 -13.11
N ILE A 447 22.06 -41.30 -14.37
CA ILE A 447 21.30 -42.05 -15.41
C ILE A 447 21.37 -43.56 -15.14
N ARG A 448 20.30 -44.25 -15.51
CA ARG A 448 20.13 -45.73 -15.42
CA ARG A 448 20.21 -45.73 -15.40
C ARG A 448 20.32 -46.40 -16.77
N SER A 449 20.26 -45.61 -17.82
CA SER A 449 20.25 -46.13 -19.21
C SER A 449 20.68 -45.02 -20.15
N THR A 450 20.76 -45.38 -21.43
CA THR A 450 21.04 -44.42 -22.50
C THR A 450 19.72 -43.85 -23.08
N ASN A 451 18.58 -44.28 -22.56
CA ASN A 451 17.27 -43.83 -23.06
C ASN A 451 16.96 -42.46 -22.47
N PRO A 452 16.93 -41.37 -23.26
CA PRO A 452 16.74 -40.04 -22.68
C PRO A 452 15.38 -39.85 -22.01
N LEU A 453 14.42 -40.74 -22.24
CA LEU A 453 13.08 -40.67 -21.60
C LEU A 453 13.08 -41.31 -20.21
N ASP A 454 14.13 -42.06 -19.84
CA ASP A 454 14.16 -42.80 -18.57
C ASP A 454 14.56 -41.83 -17.46
N ALA A 455 13.83 -41.83 -16.39
CA ALA A 455 14.20 -41.06 -15.17
C ALA A 455 15.57 -41.52 -14.69
N PRO A 456 16.36 -40.60 -14.12
CA PRO A 456 17.59 -40.99 -13.46
C PRO A 456 17.28 -41.58 -12.09
N GLU A 457 18.28 -42.27 -11.55
CA GLU A 457 18.23 -42.77 -10.17
C GLU A 457 18.51 -41.59 -9.23
N ILE A 458 17.62 -41.30 -8.32
CA ILE A 458 17.73 -40.11 -7.43
C ILE A 458 17.78 -40.64 -6.01
N ASP A 459 18.95 -40.47 -5.40
CA ASP A 459 19.19 -40.92 -3.99
C ASP A 459 19.56 -39.71 -3.15
N TYR A 460 18.63 -39.13 -2.39
CA TYR A 460 18.95 -37.93 -1.58
C TYR A 460 20.02 -38.22 -0.52
N ARG A 461 20.01 -39.41 0.04
CA ARG A 461 20.91 -39.80 1.15
C ARG A 461 20.66 -38.92 2.36
N THR A 462 19.42 -38.45 2.52
CA THR A 462 19.07 -37.63 3.68
C THR A 462 19.41 -38.38 4.95
N GLY A 463 19.99 -37.70 5.93
CA GLY A 463 20.22 -38.29 7.23
C GLY A 463 21.27 -39.38 7.25
N THR A 464 22.02 -39.56 6.18
CA THR A 464 23.11 -40.56 6.20
C THR A 464 24.28 -40.05 7.02
N ASP A 465 24.51 -38.75 7.01
CA ASP A 465 25.53 -38.15 7.89
C ASP A 465 24.87 -37.92 9.24
N PRO A 466 25.28 -38.59 10.32
CA PRO A 466 24.58 -38.55 11.58
C PRO A 466 24.58 -37.15 12.24
N ILE A 467 25.46 -36.25 11.80
CA ILE A 467 25.46 -34.89 12.37
C ILE A 467 24.15 -34.20 12.03
N ASP A 468 23.57 -34.52 10.87
CA ASP A 468 22.36 -33.84 10.46
C ASP A 468 21.24 -34.00 11.48
N ALA A 469 21.08 -35.20 12.03
CA ALA A 469 20.02 -35.43 13.02
C ALA A 469 20.26 -34.61 14.28
N GLN A 470 21.52 -34.41 14.65
CA GLN A 470 21.83 -33.60 15.84
C GLN A 470 21.39 -32.15 15.62
N VAL A 471 21.72 -31.60 14.47
CA VAL A 471 21.29 -30.24 14.11
C VAL A 471 19.77 -30.19 14.07
N TYR A 472 19.16 -31.14 13.37
CA TYR A 472 17.71 -31.10 13.16
C TYR A 472 16.95 -31.21 14.49
N THR A 473 17.45 -32.06 15.38
CA THR A 473 16.81 -32.22 16.70
C THR A 473 16.84 -30.86 17.43
N SER A 474 17.97 -30.15 17.34
CA SER A 474 18.07 -28.84 18.01
CA SER A 474 18.06 -28.83 18.02
C SER A 474 17.01 -27.88 17.41
N LEU A 475 16.81 -27.92 16.10
CA LEU A 475 15.85 -27.02 15.46
C LEU A 475 14.44 -27.37 15.94
N PHE A 476 14.12 -28.65 16.02
CA PHE A 476 12.85 -29.09 16.58
C PHE A 476 12.62 -28.52 17.98
N ARG A 477 13.64 -28.64 18.82
CA ARG A 477 13.48 -28.14 20.19
C ARG A 477 13.27 -26.63 20.22
N LYS A 478 13.93 -25.85 19.35
CA LYS A 478 13.67 -24.41 19.33
C LYS A 478 12.22 -24.13 18.92
N ASN A 479 11.71 -24.87 17.93
CA ASN A 479 10.29 -24.72 17.57
C ASN A 479 9.41 -24.95 18.81
N ARG A 480 9.72 -25.99 19.56
CA ARG A 480 8.90 -26.32 20.75
C ARG A 480 8.96 -25.15 21.75
N GLU A 481 10.11 -24.51 21.88
CA GLU A 481 10.21 -23.32 22.75
C GLU A 481 9.23 -22.24 22.30
N ILE A 482 9.12 -21.99 21.00
CA ILE A 482 8.20 -20.93 20.51
C ILE A 482 6.78 -21.27 20.95
N PHE A 483 6.36 -22.51 20.72
CA PHE A 483 4.96 -22.91 21.00
C PHE A 483 4.69 -22.89 22.50
N ASN A 484 5.73 -23.01 23.31
CA ASN A 484 5.61 -22.98 24.78
C ASN A 484 5.73 -21.59 25.38
N ALA A 485 6.08 -20.59 24.60
CA ALA A 485 6.30 -19.21 25.07
C ALA A 485 4.96 -18.59 25.41
N PRO A 486 4.96 -17.60 26.33
CA PRO A 486 3.70 -17.03 26.78
C PRO A 486 2.73 -16.57 25.71
N SER A 487 3.23 -15.93 24.65
CA SER A 487 2.38 -15.33 23.58
CA SER A 487 2.23 -15.37 23.70
C SER A 487 1.68 -16.44 22.77
N MET A 488 2.26 -17.65 22.70
CA MET A 488 1.59 -18.79 22.00
C MET A 488 0.73 -19.63 22.96
N ARG A 489 1.19 -19.80 24.18
CA ARG A 489 0.39 -20.60 25.18
C ARG A 489 -1.06 -20.06 25.26
N VAL A 490 -1.31 -18.76 25.06
CA VAL A 490 -2.70 -18.21 25.14
C VAL A 490 -3.62 -18.88 24.08
N LEU A 491 -3.06 -19.40 23.01
CA LEU A 491 -3.85 -20.08 21.96
C LEU A 491 -4.10 -21.54 22.32
N GLY A 492 -3.45 -22.03 23.37
CA GLY A 492 -3.60 -23.42 23.82
C GLY A 492 -3.07 -24.49 22.88
N PRO A 493 -1.85 -24.37 22.31
CA PRO A 493 -1.33 -25.38 21.42
C PRO A 493 -0.90 -26.63 22.20
N SER A 494 -0.97 -27.75 21.51
CA SER A 494 -0.24 -28.95 21.90
CA SER A 494 -0.42 -29.06 21.92
C SER A 494 0.13 -29.76 20.66
N GLU A 495 1.35 -30.29 20.71
CA GLU A 495 1.77 -31.19 19.63
C GLU A 495 0.83 -32.37 19.60
N ALA A 496 0.46 -32.80 18.41
CA ALA A 496 -0.37 -33.96 18.16
C ALA A 496 0.49 -35.16 17.83
N ALA A 497 -0.06 -36.35 18.03
CA ALA A 497 0.62 -37.58 17.59
C ALA A 497 0.92 -37.46 16.10
N PRO A 498 2.05 -37.99 15.61
CA PRO A 498 3.01 -38.79 16.38
C PRO A 498 4.06 -38.02 17.18
N PHE A 499 3.96 -36.69 17.22
CA PHE A 499 4.79 -35.91 18.16
C PHE A 499 4.04 -35.85 19.48
N GLY A 500 4.39 -34.91 20.35
CA GLY A 500 3.78 -34.85 21.68
C GLY A 500 4.76 -34.38 22.75
N ALA A 501 4.24 -33.67 23.72
CA ALA A 501 5.01 -33.18 24.88
C ALA A 501 5.62 -34.36 25.64
N ASN A 502 5.04 -35.55 25.56
CA ASN A 502 5.59 -36.76 26.22
C ASN A 502 6.85 -37.31 25.52
N LEU A 503 7.24 -36.78 24.36
CA LEU A 503 8.54 -37.09 23.74
C LEU A 503 9.54 -36.04 24.24
N THR A 504 10.39 -36.40 25.17
CA THR A 504 11.29 -35.44 25.84
C THR A 504 12.76 -35.71 25.52
N THR A 505 13.13 -36.93 25.15
CA THR A 505 14.55 -37.23 24.87
C THR A 505 14.87 -36.97 23.39
N ASP A 506 16.14 -36.74 23.08
CA ASP A 506 16.57 -36.64 21.66
C ASP A 506 16.20 -37.91 20.90
N GLU A 507 16.38 -39.07 21.53
CA GLU A 507 16.12 -40.34 20.86
C GLU A 507 14.61 -40.46 20.52
N GLU A 508 13.74 -40.10 21.46
CA GLU A 508 12.27 -40.22 21.28
C GLU A 508 11.84 -39.28 20.15
N ILE A 509 12.35 -38.06 20.16
CA ILE A 509 11.99 -37.02 19.17
C ILE A 509 12.48 -37.48 17.80
N TYR A 510 13.76 -37.81 17.73
CA TYR A 510 14.33 -38.08 16.38
C TYR A 510 13.76 -39.35 15.78
N ALA A 511 13.32 -40.31 16.59
CA ALA A 511 12.71 -41.53 16.01
C ALA A 511 11.48 -41.13 15.19
N VAL A 512 10.69 -40.19 15.70
CA VAL A 512 9.52 -39.73 14.93
C VAL A 512 9.97 -38.91 13.72
N MET A 513 10.96 -38.03 13.91
CA MET A 513 11.49 -37.22 12.80
C MET A 513 11.98 -38.13 11.66
N ARG A 514 12.64 -39.22 11.98
CA ARG A 514 13.17 -40.10 10.93
C ARG A 514 12.03 -40.65 10.06
N GLU A 515 10.84 -40.82 10.65
CA GLU A 515 9.68 -41.32 9.86
CA GLU A 515 9.59 -41.28 9.97
C GLU A 515 8.95 -40.19 9.11
N LEU A 516 9.08 -38.93 9.52
CA LEU A 516 8.31 -37.81 8.93
CA LEU A 516 8.30 -37.81 8.94
C LEU A 516 9.13 -36.86 8.06
N ILE A 517 10.42 -36.75 8.25
CA ILE A 517 11.21 -35.77 7.46
C ILE A 517 11.00 -36.03 5.99
N ASN A 518 10.78 -35.00 5.21
CA ASN A 518 10.86 -35.13 3.74
CA ASN A 518 10.82 -35.02 3.74
C ASN A 518 12.25 -34.71 3.33
N PRO A 519 12.95 -35.55 2.54
CA PRO A 519 14.28 -35.16 2.03
C PRO A 519 14.38 -33.80 1.35
N SER A 520 13.25 -33.29 0.82
CA SER A 520 13.33 -32.23 -0.18
C SER A 520 12.25 -31.18 0.03
N ASN A 521 12.61 -29.97 -0.27
CA ASN A 521 11.65 -28.86 -0.47
C ASN A 521 11.73 -28.42 -1.95
N ALA A 522 12.12 -29.32 -2.85
CA ALA A 522 12.32 -29.05 -4.28
C ALA A 522 13.42 -27.99 -4.45
N HIS A 523 14.46 -28.05 -3.61
CA HIS A 523 15.62 -27.15 -3.66
C HIS A 523 16.85 -27.93 -4.16
N GLN A 524 16.65 -28.87 -5.07
CA GLN A 524 17.76 -29.73 -5.51
C GLN A 524 18.86 -28.88 -6.14
N CYS A 525 20.12 -29.13 -5.74
CA CYS A 525 21.27 -28.38 -6.23
C CYS A 525 22.52 -29.26 -6.31
N CYS A 526 23.53 -28.65 -6.92
CA CYS A 526 24.95 -28.90 -6.56
C CYS A 526 25.53 -30.15 -7.23
N THR A 527 24.84 -30.66 -8.23
CA THR A 527 25.17 -31.91 -8.94
C THR A 527 26.11 -31.71 -10.14
N ALA A 528 26.53 -30.47 -10.40
CA ALA A 528 27.54 -30.14 -11.42
C ALA A 528 28.40 -29.03 -10.84
N ALA A 529 29.04 -29.33 -9.70
CA ALA A 529 29.49 -28.25 -8.81
C ALA A 529 30.62 -27.41 -9.40
N MET A 530 30.59 -26.14 -9.02
CA MET A 530 31.65 -25.18 -9.30
C MET A 530 32.72 -25.31 -8.22
N MET A 531 33.63 -26.23 -8.49
CA MET A 531 34.86 -26.37 -7.66
CA MET A 531 34.82 -26.53 -7.65
C MET A 531 35.98 -26.77 -8.59
N PRO A 532 37.24 -26.61 -8.16
CA PRO A 532 38.35 -27.10 -8.97
C PRO A 532 38.11 -28.55 -9.37
N LYS A 533 38.61 -28.90 -10.56
CA LYS A 533 38.50 -30.29 -11.06
C LYS A 533 39.11 -31.27 -10.06
N ASP A 534 40.25 -30.91 -9.44
CA ASP A 534 40.91 -31.86 -8.53
C ASP A 534 40.17 -31.99 -7.20
N MET A 535 39.09 -31.22 -7.04
CA MET A 535 38.18 -31.32 -5.89
CA MET A 535 38.18 -31.33 -5.88
C MET A 535 36.84 -31.91 -6.34
N GLY A 536 36.81 -32.58 -7.47
CA GLY A 536 35.58 -33.22 -7.93
C GLY A 536 34.59 -32.22 -8.54
N GLY A 537 35.05 -31.05 -8.90
CA GLY A 537 34.19 -30.10 -9.60
C GLY A 537 33.89 -30.53 -11.03
N VAL A 538 32.82 -29.92 -11.53
CA VAL A 538 32.39 -30.08 -12.93
C VAL A 538 32.63 -28.81 -13.71
N VAL A 539 32.48 -27.66 -13.07
CA VAL A 539 32.66 -26.37 -13.79
C VAL A 539 33.66 -25.48 -13.07
N SER A 540 34.29 -24.65 -13.90
CA SER A 540 35.24 -23.61 -13.49
C SER A 540 34.50 -22.44 -12.80
N SER A 541 35.26 -21.42 -12.37
CA SER A 541 34.66 -20.20 -11.78
C SER A 541 33.85 -19.41 -12.80
N GLU A 542 34.12 -19.63 -14.06
CA GLU A 542 33.37 -19.07 -15.21
C GLU A 542 32.24 -19.99 -15.67
N GLN A 543 31.99 -21.05 -14.92
CA GLN A 543 30.87 -22.01 -15.11
C GLN A 543 31.08 -22.81 -16.40
N LYS A 544 32.33 -22.93 -16.85
CA LYS A 544 32.66 -23.76 -18.02
C LYS A 544 32.92 -25.20 -17.59
N VAL A 545 32.30 -26.13 -18.27
CA VAL A 545 32.51 -27.57 -18.01
C VAL A 545 33.94 -27.97 -18.36
N TYR A 546 34.63 -28.58 -17.41
CA TYR A 546 36.04 -28.99 -17.61
C TYR A 546 36.13 -29.97 -18.79
N GLY A 547 37.17 -29.79 -19.59
CA GLY A 547 37.54 -30.74 -20.63
C GLY A 547 36.82 -30.51 -21.93
N VAL A 548 35.94 -29.52 -21.98
CA VAL A 548 35.27 -29.17 -23.26
CA VAL A 548 35.02 -29.17 -23.12
C VAL A 548 35.13 -27.65 -23.37
N GLN A 549 35.00 -27.22 -24.60
CA GLN A 549 34.87 -25.79 -24.91
C GLN A 549 33.42 -25.50 -25.35
N GLY A 550 32.95 -24.32 -25.02
CA GLY A 550 31.66 -23.82 -25.50
C GLY A 550 30.48 -24.37 -24.71
N LEU A 551 30.72 -24.82 -23.49
CA LEU A 551 29.67 -25.45 -22.68
C LEU A 551 29.69 -24.93 -21.24
N ARG A 552 28.59 -24.41 -20.76
CA ARG A 552 28.50 -23.90 -19.39
C ARG A 552 27.27 -24.49 -18.70
N VAL A 553 27.28 -24.41 -17.36
CA VAL A 553 26.12 -24.76 -16.51
C VAL A 553 25.67 -23.49 -15.81
N ALA A 554 24.41 -23.10 -16.06
CA ALA A 554 23.81 -21.88 -15.51
C ALA A 554 22.89 -22.16 -14.31
N ASP A 555 22.26 -23.32 -14.25
CA ASP A 555 21.29 -23.63 -13.21
C ASP A 555 22.00 -24.05 -11.91
N ILE A 556 21.22 -24.22 -10.84
CA ILE A 556 21.83 -24.33 -9.50
C ILE A 556 22.50 -25.67 -9.30
N SER A 557 22.53 -26.55 -10.30
CA SER A 557 23.52 -27.63 -10.35
CA SER A 557 23.49 -27.65 -10.24
C SER A 557 24.92 -27.11 -10.03
N PHE A 558 25.25 -25.89 -10.41
CA PHE A 558 26.65 -25.40 -10.26
C PHE A 558 26.99 -25.07 -8.80
N TRP A 559 26.00 -24.88 -7.93
CA TRP A 559 26.35 -24.42 -6.58
C TRP A 559 27.20 -25.45 -5.84
N PRO A 560 28.22 -25.01 -5.06
CA PRO A 560 28.95 -25.98 -4.23
C PRO A 560 28.06 -26.60 -3.15
N PHE A 561 27.29 -25.75 -2.47
CA PHE A 561 26.45 -26.21 -1.35
C PHE A 561 25.33 -25.21 -1.08
N GLN A 562 24.37 -25.69 -0.27
CA GLN A 562 23.12 -24.95 0.00
C GLN A 562 23.36 -23.67 0.78
N LEU A 563 22.43 -22.75 0.56
CA LEU A 563 22.45 -21.42 1.23
C LEU A 563 21.75 -21.44 2.58
N SER A 564 22.05 -20.40 3.34
CA SER A 564 21.17 -19.95 4.45
C SER A 564 20.04 -19.17 3.79
N GLY A 565 19.07 -19.90 3.26
CA GLY A 565 18.02 -19.28 2.44
C GLY A 565 17.45 -20.31 1.52
N SER A 566 16.50 -19.93 0.71
CA SER A 566 15.92 -20.74 -0.35
C SER A 566 16.51 -20.30 -1.69
N PRO A 567 16.54 -21.14 -2.73
CA PRO A 567 17.37 -20.84 -3.91
C PRO A 567 16.95 -19.74 -4.88
N MET A 568 15.67 -19.42 -4.93
CA MET A 568 15.18 -18.65 -6.09
C MET A 568 15.93 -17.32 -6.30
N ALA A 569 16.08 -16.47 -5.28
CA ALA A 569 16.67 -15.15 -5.50
C ALA A 569 18.07 -15.31 -6.09
N THR A 570 18.85 -16.25 -5.56
CA THR A 570 20.20 -16.49 -6.08
C THR A 570 20.19 -17.16 -7.47
N ALA A 571 19.18 -17.97 -7.76
CA ALA A 571 19.06 -18.52 -9.12
C ALA A 571 18.94 -17.37 -10.13
N TYR A 572 18.14 -16.36 -9.84
CA TYR A 572 18.03 -15.18 -10.74
C TYR A 572 19.37 -14.44 -10.78
N ALA A 573 19.92 -14.12 -9.60
CA ALA A 573 21.09 -13.23 -9.56
C ALA A 573 22.31 -13.89 -10.20
N GLY A 574 22.47 -15.18 -9.98
CA GLY A 574 23.58 -15.92 -10.60
C GLY A 574 23.48 -15.96 -12.11
N ALA A 575 22.28 -16.02 -12.64
CA ALA A 575 22.10 -15.98 -14.10
C ALA A 575 22.32 -14.57 -14.61
N GLU A 576 21.94 -13.54 -13.85
CA GLU A 576 22.30 -12.14 -14.22
C GLU A 576 23.84 -12.03 -14.32
N ARG A 577 24.54 -12.61 -13.35
CA ARG A 577 26.00 -12.48 -13.33
CA ARG A 577 26.02 -12.52 -13.30
C ARG A 577 26.59 -13.26 -14.53
N LEU A 578 26.12 -14.47 -14.79
CA LEU A 578 26.65 -15.29 -15.90
C LEU A 578 26.40 -14.59 -17.23
N ALA A 579 25.28 -13.94 -17.40
CA ALA A 579 24.99 -13.22 -18.65
C ALA A 579 26.13 -12.23 -18.91
N ASP A 580 26.53 -11.46 -17.89
CA ASP A 580 27.60 -10.48 -18.08
C ASP A 580 28.92 -11.17 -18.40
N VAL A 581 29.20 -12.28 -17.74
CA VAL A 581 30.43 -13.07 -18.00
C VAL A 581 30.46 -13.49 -19.48
N ILE A 582 29.36 -14.00 -19.99
CA ILE A 582 29.31 -14.48 -21.39
C ILE A 582 29.42 -13.31 -22.36
N LYS A 583 28.76 -12.21 -22.05
CA LYS A 583 28.79 -11.02 -22.91
C LYS A 583 30.25 -10.54 -22.99
N LYS A 584 30.96 -10.56 -21.86
CA LYS A 584 32.34 -10.00 -21.84
C LYS A 584 33.23 -10.88 -22.74
N GLU A 585 33.12 -12.19 -22.60
CA GLU A 585 33.99 -13.12 -23.35
C GLU A 585 33.76 -12.94 -24.84
N HIS A 586 32.50 -12.87 -25.25
CA HIS A 586 32.11 -12.86 -26.69
C HIS A 586 31.93 -11.44 -27.24
N ARG A 587 32.28 -10.42 -26.45
CA ARG A 587 32.30 -9.00 -26.89
C ARG A 587 30.90 -8.62 -27.40
N LEU A 588 29.87 -9.01 -26.65
CA LEU A 588 28.46 -8.75 -27.04
C LEU A 588 28.04 -7.35 -26.53
N ALA A 589 26.94 -6.79 -27.06
CA ALA A 589 26.35 -5.51 -26.58
C ALA A 589 25.79 -5.72 -25.17
N ASN B 5 1.73 39.57 27.93
N ASN B 5 3.38 41.13 26.97
CA ASN B 5 1.63 40.09 26.53
CA ASN B 5 2.32 40.83 25.99
C ASN B 5 2.20 39.01 25.59
C ASN B 5 2.77 39.65 25.09
N TYR B 6 1.83 39.11 24.33
CA TYR B 6 2.18 38.16 23.26
C TYR B 6 2.50 38.99 22.03
N THR B 7 3.15 38.41 21.03
CA THR B 7 3.34 39.10 19.74
C THR B 7 2.03 39.12 18.97
N PHE B 8 1.34 37.97 18.93
CA PHE B 8 0.05 37.83 18.24
C PHE B 8 -0.94 37.12 19.18
N ILE B 9 -2.20 37.49 19.07
CA ILE B 9 -3.31 36.75 19.69
C ILE B 9 -4.22 36.33 18.53
N ILE B 10 -4.58 35.06 18.52
CA ILE B 10 -5.45 34.48 17.48
C ILE B 10 -6.72 33.96 18.15
N ALA B 11 -7.87 34.47 17.70
CA ALA B 11 -9.21 34.16 18.22
C ALA B 11 -9.74 32.98 17.41
N GLY B 12 -9.67 31.79 17.98
CA GLY B 12 -10.13 30.58 17.32
C GLY B 12 -8.97 29.66 16.94
N GLY B 13 -9.01 28.44 17.47
CA GLY B 13 -8.02 27.40 17.24
C GLY B 13 -8.50 26.33 16.29
N GLY B 14 -9.07 26.75 15.17
CA GLY B 14 -9.51 25.85 14.11
C GLY B 14 -8.45 25.66 13.06
N ILE B 15 -8.89 25.27 11.84
CA ILE B 15 -7.91 25.00 10.79
C ILE B 15 -7.02 26.23 10.61
N SER B 16 -7.68 27.36 10.36
CA SER B 16 -6.93 28.58 9.97
C SER B 16 -6.04 29.03 11.14
N GLY B 17 -6.64 29.09 12.33
CA GLY B 17 -5.92 29.64 13.48
C GLY B 17 -4.71 28.81 13.86
N LEU B 18 -4.81 27.48 13.86
CA LEU B 18 -3.64 26.63 14.25
C LEU B 18 -2.60 26.66 13.13
N THR B 19 -3.03 26.64 11.87
CA THR B 19 -2.05 26.69 10.78
C THR B 19 -1.21 27.98 10.94
N LEU B 20 -1.88 29.11 11.14
CA LEU B 20 -1.18 30.40 11.27
C LEU B 20 -0.27 30.39 12.51
N ALA B 21 -0.78 29.91 13.64
CA ALA B 21 0.00 29.91 14.90
C ALA B 21 1.26 29.08 14.72
N ASP B 22 1.14 27.91 14.13
CA ASP B 22 2.30 27.03 13.85
C ASP B 22 3.36 27.83 13.05
N ARG B 23 2.95 28.39 11.92
CA ARG B 23 3.91 29.08 11.06
C ARG B 23 4.52 30.27 11.78
N LEU B 24 3.73 31.08 12.48
CA LEU B 24 4.31 32.28 13.12
C LEU B 24 5.34 31.88 14.16
N THR B 25 5.11 30.78 14.89
CA THR B 25 6.00 30.37 15.99
C THR B 25 7.24 29.64 15.49
N GLU B 26 7.43 29.48 14.18
CA GLU B 26 8.72 29.02 13.62
C GLU B 26 9.85 29.98 14.01
N ASP B 27 9.53 31.25 14.24
CA ASP B 27 10.49 32.27 14.74
C ASP B 27 10.40 32.24 16.26
N PRO B 28 11.48 31.81 16.97
CA PRO B 28 11.44 31.70 18.42
C PRO B 28 11.24 33.05 19.12
N ARG B 29 11.42 34.16 18.41
CA ARG B 29 11.17 35.52 18.97
C ARG B 29 9.69 35.89 18.96
N VAL B 30 8.85 35.13 18.23
CA VAL B 30 7.41 35.44 18.10
C VAL B 30 6.63 34.56 19.05
N THR B 31 5.84 35.18 19.92
CA THR B 31 4.94 34.45 20.82
C THR B 31 3.52 34.61 20.34
N VAL B 32 2.77 33.53 20.42
CA VAL B 32 1.37 33.50 19.99
C VAL B 32 0.52 32.89 21.06
N LEU B 33 -0.61 33.52 21.31
CA LEU B 33 -1.66 32.88 22.11
C LEU B 33 -2.83 32.60 21.20
N VAL B 34 -3.23 31.33 21.16
CA VAL B 34 -4.48 30.92 20.48
C VAL B 34 -5.53 30.71 21.56
N ILE B 35 -6.64 31.42 21.50
CA ILE B 35 -7.78 31.29 22.42
C ILE B 35 -8.85 30.54 21.65
N GLU B 36 -9.24 29.35 22.12
CA GLU B 36 -10.17 28.48 21.43
C GLU B 36 -11.36 28.14 22.31
N ALA B 37 -12.56 28.27 21.74
CA ALA B 37 -13.81 28.09 22.47
C ALA B 37 -13.94 26.69 23.05
N GLY B 38 -13.57 25.68 22.29
CA GLY B 38 -13.75 24.29 22.68
C GLY B 38 -12.54 23.74 23.40
N PRO B 39 -12.66 22.50 23.87
CA PRO B 39 -11.57 21.83 24.57
C PRO B 39 -10.63 21.15 23.55
N LEU B 40 -9.57 20.56 24.07
CA LEU B 40 -8.80 19.54 23.31
C LEU B 40 -9.62 18.28 23.19
N ASP B 41 -9.66 17.66 22.02
CA ASP B 41 -10.22 16.29 21.90
C ASP B 41 -9.34 15.32 22.69
N ARG B 42 -9.95 14.20 23.02
CA ARG B 42 -9.32 13.19 23.90
C ARG B 42 -8.76 12.03 23.09
N GLY B 43 -8.63 12.16 21.79
CA GLY B 43 -8.14 11.07 20.93
C GLY B 43 -9.13 9.93 20.86
N GLU B 44 -10.42 10.22 21.06
CA GLU B 44 -11.36 9.09 21.10
CA GLU B 44 -11.56 9.27 21.02
C GLU B 44 -11.56 8.53 19.68
N ASP B 45 -12.01 7.27 19.64
CA ASP B 45 -12.18 6.60 18.33
C ASP B 45 -13.11 7.41 17.41
N GLY B 46 -14.14 8.03 17.93
CA GLY B 46 -15.07 8.80 17.11
C GLY B 46 -14.39 9.95 16.38
N ILE B 47 -13.24 10.39 16.85
CA ILE B 47 -12.41 11.41 16.17
C ILE B 47 -11.36 10.70 15.30
N LEU B 48 -10.55 9.83 15.87
CA LEU B 48 -9.37 9.37 15.13
C LEU B 48 -9.67 8.31 14.07
N VAL B 49 -10.62 7.44 14.32
CA VAL B 49 -10.80 6.26 13.44
C VAL B 49 -11.90 6.54 12.42
N PRO B 50 -11.63 6.50 11.11
CA PRO B 50 -12.66 6.89 10.14
C PRO B 50 -13.96 6.12 10.32
N GLY B 51 -13.90 4.80 10.50
CA GLY B 51 -15.12 4.00 10.60
C GLY B 51 -15.96 4.29 11.81
N ALA B 52 -15.38 4.91 12.83
CA ALA B 52 -16.07 5.25 14.09
C ALA B 52 -16.58 6.69 14.09
N PHE B 53 -16.45 7.41 12.97
CA PHE B 53 -16.78 8.84 12.84
C PHE B 53 -18.03 9.24 13.63
N SER B 54 -17.83 10.15 14.57
CA SER B 54 -18.85 10.70 15.50
C SER B 54 -18.75 12.23 15.55
N PRO B 55 -19.14 12.95 14.47
CA PRO B 55 -18.86 14.40 14.43
C PRO B 55 -19.58 15.21 15.52
N TRP B 56 -20.68 14.68 16.05
CA TRP B 56 -21.56 15.37 17.04
C TRP B 56 -20.82 15.55 18.36
N LEU B 57 -19.69 14.83 18.56
CA LEU B 57 -18.90 14.97 19.80
C LEU B 57 -18.51 16.44 20.10
N TYR B 58 -18.39 17.27 19.12
CA TYR B 58 -17.88 18.65 19.31
C TYR B 58 -18.69 19.65 18.48
N PHE B 59 -19.96 19.41 18.26
CA PHE B 59 -20.81 20.46 17.64
C PHE B 59 -20.98 21.61 18.62
N TRP B 60 -20.91 22.82 18.13
CA TRP B 60 -21.21 24.04 18.90
C TRP B 60 -22.67 23.94 19.35
N PRO B 61 -22.95 24.03 20.67
CA PRO B 61 -24.33 23.85 21.12
C PRO B 61 -25.23 25.08 20.90
N GLY B 62 -26.52 24.82 20.74
CA GLY B 62 -27.53 25.89 20.87
C GLY B 62 -27.62 26.81 19.66
N LEU B 63 -27.24 26.31 18.48
CA LEU B 63 -27.36 27.11 17.25
C LEU B 63 -28.48 26.54 16.40
N VAL B 64 -29.45 27.38 16.10
CA VAL B 64 -30.62 27.04 15.25
CA VAL B 64 -30.55 27.00 15.18
C VAL B 64 -30.78 28.16 14.21
N SER B 65 -31.22 27.83 13.04
CA SER B 65 -31.48 28.86 12.01
C SER B 65 -32.76 29.60 12.35
N THR B 66 -32.94 30.71 11.68
CA THR B 66 -34.27 31.31 11.52
C THR B 66 -35.11 30.41 10.64
N PRO B 67 -36.45 30.60 10.63
CA PRO B 67 -37.26 29.93 9.61
C PRO B 67 -36.73 30.27 8.21
N GLN B 68 -36.62 29.24 7.36
CA GLN B 68 -35.96 29.39 6.04
C GLN B 68 -37.02 29.65 4.99
N ALA B 69 -37.14 30.89 4.53
CA ALA B 69 -38.22 31.31 3.62
C ALA B 69 -38.20 30.49 2.34
N GLY B 70 -37.03 30.07 1.86
CA GLY B 70 -36.91 29.31 0.62
C GLY B 70 -37.10 27.81 0.80
N LEU B 71 -37.26 27.37 2.06
CA LEU B 71 -37.38 25.93 2.39
C LEU B 71 -38.63 25.71 3.26
N ASN B 72 -39.77 26.23 2.82
CA ASN B 72 -41.06 26.02 3.50
C ASN B 72 -41.03 26.51 4.96
N ASN B 73 -40.23 27.53 5.25
CA ASN B 73 -40.13 28.12 6.58
C ASN B 73 -39.60 27.12 7.61
N ARG B 74 -38.91 26.07 7.18
CA ARG B 74 -38.25 25.13 8.10
CA ARG B 74 -38.27 25.15 8.14
C ARG B 74 -37.16 25.82 8.91
N THR B 75 -36.98 25.36 10.16
CA THR B 75 -35.80 25.71 10.95
CA THR B 75 -35.84 25.69 11.03
C THR B 75 -34.90 24.48 11.02
N VAL B 76 -33.60 24.73 10.97
CA VAL B 76 -32.63 23.61 11.03
C VAL B 76 -31.66 23.89 12.18
N ASP B 77 -31.16 22.81 12.76
CA ASP B 77 -29.97 22.90 13.63
C ASP B 77 -28.78 23.34 12.77
N VAL B 78 -28.01 24.25 13.33
CA VAL B 78 -26.78 24.78 12.74
C VAL B 78 -25.61 23.97 13.28
N ILE B 79 -24.77 23.51 12.36
CA ILE B 79 -23.62 22.63 12.65
C ILE B 79 -22.33 23.39 12.37
N THR B 80 -21.51 23.50 13.41
CA THR B 80 -20.15 24.06 13.28
C THR B 80 -19.32 23.52 14.43
N ALA B 81 -18.01 23.47 14.29
CA ALA B 81 -17.13 22.86 15.32
C ALA B 81 -16.94 23.80 16.52
N GLN B 82 -16.74 23.17 17.66
CA GLN B 82 -16.31 23.85 18.91
C GLN B 82 -15.26 22.95 19.58
N VAL B 83 -14.02 23.05 19.12
CA VAL B 83 -12.95 22.13 19.57
C VAL B 83 -11.65 22.63 19.00
N VAL B 84 -10.56 22.35 19.70
CA VAL B 84 -9.22 22.60 19.10
C VAL B 84 -9.11 21.80 17.82
N GLY B 85 -8.71 22.45 16.74
CA GLY B 85 -8.71 21.84 15.41
C GLY B 85 -9.93 22.24 14.58
N GLY B 86 -10.94 22.81 15.23
CA GLY B 86 -12.11 23.30 14.50
C GLY B 86 -12.72 22.22 13.63
N GLY B 87 -13.13 22.63 12.44
CA GLY B 87 -13.87 21.66 11.59
C GLY B 87 -13.00 20.48 11.22
N SER B 88 -11.67 20.61 11.20
CA SER B 88 -10.85 19.45 10.85
C SER B 88 -11.00 18.30 11.85
N THR B 89 -11.34 18.61 13.10
CA THR B 89 -11.42 17.60 14.16
C THR B 89 -12.63 16.72 13.91
N ILE B 90 -13.72 17.28 13.36
CA ILE B 90 -15.02 16.56 13.29
C ILE B 90 -15.55 16.48 11.86
N ASN B 91 -14.80 16.84 10.85
CA ASN B 91 -15.37 16.80 9.48
C ASN B 91 -15.20 15.40 8.87
N ALA B 92 -15.74 15.21 7.67
CA ALA B 92 -15.71 13.93 6.98
C ALA B 92 -14.40 13.69 6.26
N MET B 93 -13.38 14.51 6.50
CA MET B 93 -11.99 14.26 6.02
CA MET B 93 -11.98 14.35 6.02
C MET B 93 -11.86 14.42 4.51
N VAL B 94 -12.88 14.97 3.84
CA VAL B 94 -12.81 15.13 2.38
C VAL B 94 -11.87 16.29 2.07
N TYR B 95 -10.80 16.02 1.31
CA TYR B 95 -9.69 16.96 1.13
C TYR B 95 -9.54 17.25 -0.35
N LEU B 96 -10.10 18.38 -0.79
CA LEU B 96 -10.20 18.75 -2.23
C LEU B 96 -9.95 20.24 -2.35
N ARG B 97 -9.13 20.60 -3.34
CA ARG B 97 -8.98 22.00 -3.75
C ARG B 97 -10.19 22.44 -4.59
N GLY B 98 -10.38 23.75 -4.70
CA GLY B 98 -11.30 24.30 -5.69
C GLY B 98 -10.74 24.21 -7.09
N ASP B 99 -11.45 24.81 -8.02
CA ASP B 99 -11.02 24.86 -9.42
C ASP B 99 -10.23 26.13 -9.70
N LYS B 100 -9.43 26.15 -10.75
CA LYS B 100 -8.55 27.31 -11.01
C LYS B 100 -9.34 28.61 -10.93
N ASP B 101 -10.47 28.65 -11.64
CA ASP B 101 -11.20 29.92 -11.76
C ASP B 101 -11.74 30.39 -10.44
N ASP B 102 -11.91 29.51 -9.45
CA ASP B 102 -12.36 30.03 -8.15
C ASP B 102 -11.38 31.12 -7.67
N TYR B 103 -10.10 30.78 -7.65
CA TYR B 103 -9.08 31.68 -7.09
C TYR B 103 -8.82 32.83 -8.05
N ASP B 104 -8.85 32.55 -9.35
CA ASP B 104 -8.68 33.62 -10.33
C ASP B 104 -9.81 34.64 -10.16
N SER B 105 -11.01 34.16 -9.94
CA SER B 105 -12.21 35.00 -9.74
CA SER B 105 -12.16 35.08 -9.79
C SER B 105 -12.04 35.87 -8.48
N TRP B 106 -11.55 35.25 -7.41
CA TRP B 106 -11.34 36.04 -6.18
C TRP B 106 -10.40 37.21 -6.51
N GLY B 107 -9.35 36.97 -7.26
CA GLY B 107 -8.40 38.02 -7.67
C GLY B 107 -9.11 39.11 -8.48
N ALA B 108 -9.92 38.69 -9.43
CA ALA B 108 -10.60 39.60 -10.37
C ALA B 108 -11.67 40.47 -9.68
N LEU B 109 -12.12 40.11 -8.46
CA LEU B 109 -13.03 40.96 -7.66
C LEU B 109 -12.30 42.16 -7.05
N GLY B 110 -11.01 42.32 -7.27
CA GLY B 110 -10.22 43.46 -6.75
C GLY B 110 -9.26 43.08 -5.65
N ASN B 111 -8.72 41.87 -5.72
CA ASN B 111 -7.79 41.29 -4.73
C ASN B 111 -6.47 40.94 -5.35
N PRO B 112 -5.56 41.92 -5.42
CA PRO B 112 -4.22 41.65 -5.91
C PRO B 112 -3.55 40.49 -5.17
N GLY B 113 -2.87 39.61 -5.92
CA GLY B 113 -2.09 38.49 -5.35
C GLY B 113 -2.85 37.19 -5.22
N TRP B 114 -4.08 37.13 -5.75
CA TRP B 114 -4.99 35.97 -5.65
C TRP B 114 -5.22 35.38 -7.04
N SER B 115 -4.85 34.12 -7.20
CA SER B 115 -5.03 33.36 -8.45
C SER B 115 -4.74 31.88 -8.16
N TRP B 116 -5.02 31.01 -9.12
CA TRP B 116 -4.60 29.61 -8.98
C TRP B 116 -3.08 29.52 -8.86
N ASN B 117 -2.36 30.26 -9.70
CA ASN B 117 -0.90 30.16 -9.68
C ASN B 117 -0.35 30.66 -8.35
N SER B 118 -0.96 31.66 -7.73
CA SER B 118 -0.40 32.14 -6.44
C SER B 118 -0.77 31.18 -5.32
N MET B 119 -1.90 30.47 -5.44
CA MET B 119 -2.29 29.52 -4.40
C MET B 119 -1.52 28.21 -4.50
N LEU B 120 -1.14 27.77 -5.71
CA LEU B 120 -0.52 26.46 -5.91
C LEU B 120 0.67 26.24 -4.98
N PRO B 121 1.63 27.16 -4.84
CA PRO B 121 2.74 26.90 -3.91
C PRO B 121 2.29 26.63 -2.47
N TYR B 122 1.21 27.25 -2.06
CA TYR B 122 0.67 27.07 -0.70
C TYR B 122 -0.10 25.77 -0.56
N PHE B 123 -0.82 25.37 -1.59
CA PHE B 123 -1.40 24.00 -1.57
C PHE B 123 -0.27 22.97 -1.41
N ILE B 124 0.81 23.12 -2.17
CA ILE B 124 1.89 22.12 -2.10
CA ILE B 124 1.98 22.20 -2.13
C ILE B 124 2.57 22.21 -0.72
N LYS B 125 2.85 23.42 -0.22
CA LYS B 125 3.51 23.58 1.09
C LYS B 125 2.68 22.97 2.21
N SER B 126 1.36 22.97 2.05
CA SER B 126 0.45 22.64 3.16
C SER B 126 0.52 21.16 3.58
N GLU B 127 1.04 20.27 2.75
CA GLU B 127 0.56 18.89 2.78
C GLU B 127 1.64 17.86 2.42
N THR B 128 1.40 16.64 2.83
CA THR B 128 2.13 15.46 2.36
C THR B 128 1.12 14.44 1.89
N PHE B 129 1.13 14.14 0.59
CA PHE B 129 0.30 13.08 0.00
C PHE B 129 1.07 11.76 0.11
N THR B 130 0.40 10.72 0.60
CA THR B 130 0.95 9.36 0.60
C THR B 130 0.19 8.54 -0.42
N PRO B 131 0.84 7.99 -1.44
CA PRO B 131 0.13 7.19 -2.42
CA PRO B 131 0.12 7.22 -2.43
C PRO B 131 -0.50 5.94 -1.86
N PRO B 132 -1.62 5.50 -2.45
CA PRO B 132 -2.20 4.20 -2.11
C PRO B 132 -1.28 3.09 -2.63
N SER B 133 -1.58 1.89 -2.21
CA SER B 133 -0.89 0.68 -2.70
CA SER B 133 -0.84 0.72 -2.72
C SER B 133 -1.11 0.53 -4.20
N PRO B 134 -0.15 -0.03 -4.96
CA PRO B 134 -0.38 -0.17 -6.41
C PRO B 134 -1.58 -1.04 -6.75
N GLU B 135 -1.86 -2.07 -5.96
CA GLU B 135 -2.99 -2.99 -6.28
C GLU B 135 -4.31 -2.26 -6.07
N LEU B 136 -4.39 -1.43 -5.04
CA LEU B 136 -5.66 -0.68 -4.81
C LEU B 136 -5.82 0.39 -5.88
N ALA B 137 -4.73 1.05 -6.27
CA ALA B 137 -4.82 2.06 -7.32
C ALA B 137 -5.32 1.43 -8.62
N ALA B 138 -4.78 0.29 -8.98
CA ALA B 138 -5.19 -0.39 -10.23
C ALA B 138 -6.63 -0.92 -10.14
N ALA B 139 -6.99 -1.58 -9.04
CA ALA B 139 -8.32 -2.16 -8.86
C ALA B 139 -9.36 -1.05 -8.71
N GLY B 140 -9.02 0.03 -8.02
CA GLY B 140 -9.98 1.06 -7.67
C GLY B 140 -10.11 2.17 -8.71
N ASN B 141 -9.23 2.23 -9.71
CA ASN B 141 -9.15 3.39 -10.64
C ASN B 141 -8.74 4.65 -9.90
N ILE B 142 -7.77 4.49 -8.98
CA ILE B 142 -7.20 5.66 -8.27
C ILE B 142 -6.08 6.26 -9.11
N THR B 143 -6.17 7.53 -9.43
CA THR B 143 -5.11 8.24 -10.16
C THR B 143 -4.83 9.56 -9.49
N TRP B 144 -3.64 10.07 -9.77
CA TRP B 144 -3.21 11.38 -9.26
C TRP B 144 -2.06 11.88 -10.11
N ASP B 145 -1.78 13.14 -9.95
CA ASP B 145 -0.63 13.81 -10.58
C ASP B 145 0.34 14.23 -9.46
N GLY B 146 1.35 13.42 -9.25
CA GLY B 146 2.28 13.65 -8.16
C GLY B 146 2.95 15.02 -8.25
N SER B 147 3.03 15.60 -9.43
CA SER B 147 3.73 16.89 -9.63
C SER B 147 2.96 18.04 -8.96
N ILE B 148 1.65 17.88 -8.67
CA ILE B 148 0.89 18.99 -8.05
C ILE B 148 0.37 18.63 -6.67
N ARG B 149 0.88 17.54 -6.07
CA ARG B 149 0.53 17.18 -4.69
C ARG B 149 1.79 17.35 -3.81
N GLY B 150 1.63 17.95 -2.65
CA GLY B 150 2.78 18.18 -1.78
C GLY B 150 3.36 16.89 -1.19
N ARG B 151 4.64 16.95 -0.90
CA ARG B 151 5.31 15.75 -0.35
CA ARG B 151 5.45 15.80 -0.42
C ARG B 151 6.02 16.04 0.98
N SER B 152 6.00 17.28 1.48
CA SER B 152 6.81 17.62 2.66
C SER B 152 6.04 18.39 3.73
N GLY B 153 4.78 18.74 3.48
CA GLY B 153 4.05 19.63 4.40
C GLY B 153 3.27 18.86 5.45
N PRO B 154 2.73 19.60 6.43
CA PRO B 154 2.22 18.96 7.62
C PRO B 154 0.93 18.14 7.54
N VAL B 155 0.02 18.53 6.67
CA VAL B 155 -1.28 17.87 6.60
C VAL B 155 -1.06 16.56 5.82
N ASN B 156 -1.25 15.44 6.49
CA ASN B 156 -1.14 14.15 5.80
C ASN B 156 -2.46 13.85 5.09
N TYR B 157 -2.39 13.39 3.85
CA TYR B 157 -3.60 12.91 3.19
C TYR B 157 -3.25 11.76 2.26
N SER B 158 -4.26 10.93 2.02
CA SER B 158 -4.11 9.69 1.28
C SER B 158 -5.51 9.22 0.88
N TYR B 159 -5.73 7.91 0.88
CA TYR B 159 -7.03 7.31 0.62
C TYR B 159 -7.26 6.21 1.64
N PRO B 160 -8.52 5.80 1.87
CA PRO B 160 -8.78 4.53 2.50
C PRO B 160 -8.02 3.41 1.75
N ASN B 161 -7.84 2.26 2.42
CA ASN B 161 -7.16 1.13 1.80
C ASN B 161 -8.10 0.01 1.39
N TYR B 162 -9.34 0.35 1.16
CA TYR B 162 -10.42 -0.58 0.89
C TYR B 162 -11.50 0.20 0.14
N PHE B 163 -12.31 -0.50 -0.68
CA PHE B 163 -13.55 0.06 -1.22
C PHE B 163 -14.64 -1.01 -1.11
N PHE B 164 -15.86 -0.57 -0.89
CA PHE B 164 -17.03 -1.46 -0.94
C PHE B 164 -17.27 -1.82 -2.39
N PRO B 165 -17.69 -3.05 -2.67
CA PRO B 165 -17.82 -3.49 -4.05
C PRO B 165 -18.81 -2.67 -4.87
N GLY B 166 -19.90 -2.18 -4.25
CA GLY B 166 -20.90 -1.39 -4.98
C GLY B 166 -20.32 -0.10 -5.56
N SER B 167 -19.26 0.40 -5.00
CA SER B 167 -18.61 1.62 -5.52
C SER B 167 -18.16 1.40 -6.98
N GLU B 168 -17.88 0.15 -7.38
CA GLU B 168 -17.52 -0.20 -8.75
C GLU B 168 -18.74 0.03 -9.65
N ASN B 169 -19.89 -0.53 -9.27
CA ASN B 169 -21.14 -0.31 -10.02
C ASN B 169 -21.35 1.19 -10.25
N TRP B 170 -21.20 1.97 -9.18
CA TRP B 170 -21.50 3.41 -9.26
C TRP B 170 -20.51 4.12 -10.18
N TRP B 171 -19.21 3.81 -10.10
CA TRP B 171 -18.20 4.38 -10.98
C TRP B 171 -18.58 4.12 -12.44
N ASN B 172 -18.88 2.87 -12.74
CA ASN B 172 -19.20 2.53 -14.13
C ASN B 172 -20.49 3.19 -14.61
N ALA B 173 -21.48 3.27 -13.74
CA ALA B 173 -22.76 3.96 -14.08
C ALA B 173 -22.50 5.45 -14.33
N ALA B 174 -21.70 6.08 -13.49
CA ALA B 174 -21.36 7.49 -13.67
C ALA B 174 -20.68 7.70 -15.04
N ASN B 175 -19.75 6.83 -15.39
CA ASN B 175 -19.08 6.91 -16.68
C ASN B 175 -20.10 6.74 -17.84
N GLU B 176 -21.07 5.86 -17.64
CA GLU B 176 -22.14 5.59 -18.66
C GLU B 176 -23.00 6.83 -18.90
N VAL B 177 -23.07 7.74 -17.93
CA VAL B 177 -23.92 8.93 -18.07
C VAL B 177 -23.07 10.22 -18.12
N GLY B 178 -21.84 10.13 -18.62
CA GLY B 178 -21.11 11.34 -18.99
C GLY B 178 -20.28 11.95 -17.90
N LEU B 179 -19.94 11.18 -16.88
CA LEU B 179 -19.02 11.63 -15.79
C LEU B 179 -17.78 10.74 -15.89
N PRO B 180 -16.75 11.16 -16.64
CA PRO B 180 -15.60 10.29 -16.91
C PRO B 180 -14.60 10.32 -15.76
N PRO B 181 -13.64 9.39 -15.76
CA PRO B 181 -12.58 9.49 -14.76
C PRO B 181 -11.78 10.80 -14.89
N VAL B 182 -11.51 11.38 -13.74
CA VAL B 182 -10.70 12.60 -13.59
C VAL B 182 -9.29 12.18 -13.17
N LYS B 183 -8.30 12.60 -13.94
CA LYS B 183 -6.89 12.27 -13.64
CA LYS B 183 -6.91 12.20 -13.62
C LYS B 183 -6.52 12.67 -12.22
N ASP B 184 -6.76 13.93 -11.88
CA ASP B 184 -6.46 14.40 -10.51
C ASP B 184 -7.37 15.58 -10.21
N PRO B 185 -8.33 15.43 -9.26
CA PRO B 185 -9.24 16.53 -8.89
C PRO B 185 -8.52 17.68 -8.17
N MET B 186 -7.24 17.51 -7.82
CA MET B 186 -6.40 18.55 -7.20
C MET B 186 -5.69 19.40 -8.25
N ALA B 187 -5.89 19.11 -9.54
CA ALA B 187 -5.11 19.81 -10.58
C ALA B 187 -5.84 21.06 -11.09
N GLY B 188 -6.92 21.51 -10.43
CA GLY B 188 -7.62 22.73 -10.82
C GLY B 188 -8.84 22.51 -11.65
N SER B 189 -9.22 21.26 -11.91
CA SER B 189 -10.48 20.89 -12.57
C SER B 189 -10.86 19.50 -12.08
N LYS B 190 -12.13 19.16 -12.11
CA LYS B 190 -12.61 17.92 -11.53
C LYS B 190 -13.90 17.44 -12.19
N GLN B 191 -13.96 17.46 -13.51
CA GLN B 191 -15.17 17.15 -14.27
C GLN B 191 -15.35 15.66 -14.46
N GLY B 192 -16.09 15.01 -13.56
CA GLY B 192 -16.31 13.56 -13.62
C GLY B 192 -16.12 12.93 -12.27
N VAL B 193 -15.64 11.70 -12.29
CA VAL B 193 -15.54 10.89 -11.06
C VAL B 193 -14.07 10.66 -10.70
N PHE B 194 -13.87 10.50 -9.41
CA PHE B 194 -12.52 10.33 -8.86
C PHE B 194 -12.66 9.78 -7.45
N TRP B 195 -11.56 9.18 -6.97
CA TRP B 195 -11.43 8.89 -5.55
C TRP B 195 -11.34 10.16 -4.72
N ILE B 196 -12.03 10.14 -3.60
CA ILE B 196 -12.00 11.23 -2.62
C ILE B 196 -10.69 11.21 -1.88
N PRO B 197 -9.81 12.23 -2.01
CA PRO B 197 -8.65 12.27 -1.12
C PRO B 197 -9.17 12.51 0.31
N SER B 198 -8.50 11.85 1.27
CA SER B 198 -8.94 11.85 2.67
C SER B 198 -7.79 12.34 3.54
N ALA B 199 -8.06 13.24 4.46
CA ALA B 199 -7.06 13.82 5.39
C ALA B 199 -6.75 12.82 6.51
N ILE B 200 -6.18 11.70 6.12
CA ILE B 200 -5.78 10.53 6.93
CA ILE B 200 -5.74 10.63 7.05
C ILE B 200 -4.25 10.39 6.91
N ASP B 201 -3.67 10.07 8.05
CA ASP B 201 -2.29 9.63 8.16
C ASP B 201 -2.26 8.14 7.88
N ALA B 202 -1.70 7.75 6.76
CA ALA B 202 -1.69 6.35 6.30
C ALA B 202 -0.84 5.48 7.18
N ARG B 203 0.04 6.01 7.99
CA ARG B 203 0.82 5.11 8.84
C ARG B 203 -0.04 4.45 9.91
N THR B 204 -0.98 5.18 10.46
CA THR B 204 -1.86 4.69 11.53
C THR B 204 -3.30 4.57 11.09
N MET B 205 -3.61 5.03 9.89
CA MET B 205 -5.01 5.14 9.37
CA MET B 205 -5.02 5.07 9.42
C MET B 205 -5.89 5.85 10.41
N THR B 206 -5.41 7.01 10.80
CA THR B 206 -6.13 7.92 11.70
C THR B 206 -6.21 9.30 11.08
N ARG B 207 -7.21 10.04 11.51
CA ARG B 207 -7.41 11.46 11.11
C ARG B 207 -6.15 12.28 11.30
N SER B 208 -5.81 13.08 10.31
CA SER B 208 -4.76 14.11 10.37
C SER B 208 -5.43 15.49 10.48
N HIS B 209 -5.93 15.83 11.67
CA HIS B 209 -6.62 17.11 11.88
C HIS B 209 -5.61 18.17 12.37
N ALA B 210 -6.03 19.42 12.35
CA ALA B 210 -5.11 20.55 12.59
C ALA B 210 -4.57 20.50 14.02
N ARG B 211 -5.34 19.98 14.96
CA ARG B 211 -4.86 19.70 16.34
CA ARG B 211 -4.82 19.78 16.33
C ARG B 211 -3.54 18.93 16.30
N ARG B 212 -3.44 17.95 15.41
CA ARG B 212 -2.25 17.09 15.30
C ARG B 212 -1.20 17.76 14.44
N ASN B 213 -1.58 18.13 13.22
CA ASN B 213 -0.57 18.53 12.21
C ASN B 213 -0.10 19.97 12.36
N HIS B 214 -0.80 20.78 13.12
CA HIS B 214 -0.41 22.19 13.30
C HIS B 214 -0.37 22.61 14.77
N TYR B 215 -0.50 21.66 15.69
CA TYR B 215 -0.30 21.96 17.13
C TYR B 215 0.54 20.85 17.76
N ASP B 216 0.02 19.62 17.86
CA ASP B 216 0.78 18.54 18.54
C ASP B 216 2.20 18.45 17.96
N ARG B 217 2.32 18.49 16.65
CA ARG B 217 3.58 18.32 15.90
C ARG B 217 4.64 19.31 16.38
N VAL B 218 4.22 20.48 16.85
CA VAL B 218 5.13 21.61 17.20
C VAL B 218 4.91 22.07 18.65
N SER B 219 4.29 21.23 19.48
CA SER B 219 3.85 21.64 20.84
C SER B 219 5.02 21.64 21.81
N SER B 220 6.23 21.26 21.38
CA SER B 220 7.41 21.50 22.25
CA SER B 220 7.43 21.49 22.24
C SER B 220 7.77 22.99 22.32
N ARG B 221 7.27 23.79 21.39
CA ARG B 221 7.63 25.22 21.33
C ARG B 221 7.04 25.97 22.51
N PRO B 222 7.86 26.60 23.38
CA PRO B 222 7.30 27.36 24.50
C PRO B 222 6.59 28.64 24.05
N ASN B 223 6.85 29.10 22.81
CA ASN B 223 6.30 30.36 22.29
C ASN B 223 4.93 30.16 21.66
N TYR B 224 4.50 28.91 21.52
CA TYR B 224 3.17 28.58 20.93
C TYR B 224 2.21 28.23 22.07
N HIS B 225 1.43 29.18 22.53
CA HIS B 225 0.53 29.00 23.70
C HIS B 225 -0.87 28.75 23.17
N ILE B 226 -1.58 27.90 23.87
CA ILE B 226 -3.02 27.67 23.62
CA ILE B 226 -3.01 27.57 23.62
C ILE B 226 -3.83 27.71 24.91
N LEU B 227 -5.03 28.27 24.80
CA LEU B 227 -5.98 28.37 25.92
C LEU B 227 -7.29 27.81 25.40
N PRO B 228 -7.53 26.52 25.58
CA PRO B 228 -8.82 25.94 25.24
C PRO B 228 -9.93 26.41 26.19
N SER B 229 -11.17 26.15 25.78
CA SER B 229 -12.37 26.36 26.57
C SER B 229 -12.59 27.85 26.96
N HIS B 230 -12.14 28.78 26.10
CA HIS B 230 -12.37 30.22 26.35
C HIS B 230 -12.82 30.87 25.04
N LEU B 231 -13.68 31.87 25.19
CA LEU B 231 -14.22 32.67 24.08
C LEU B 231 -13.61 34.04 24.03
N VAL B 232 -13.16 34.46 22.86
CA VAL B 232 -12.87 35.90 22.66
C VAL B 232 -14.20 36.63 22.55
N SER B 233 -14.42 37.59 23.46
CA SER B 233 -15.72 38.29 23.58
C SER B 233 -15.64 39.68 22.96
N LYS B 234 -14.43 40.21 22.77
CA LYS B 234 -14.26 41.61 22.29
C LYS B 234 -12.82 41.83 21.87
N ILE B 235 -12.64 42.64 20.84
CA ILE B 235 -11.32 43.24 20.49
C ILE B 235 -11.18 44.54 21.28
N LEU B 236 -9.98 44.77 21.79
CA LEU B 236 -9.60 45.99 22.50
C LEU B 236 -8.76 46.86 21.59
N PHE B 237 -9.03 48.15 21.67
CA PHE B 237 -8.41 49.18 20.80
C PHE B 237 -7.76 50.29 21.59
N ARG B 238 -6.74 50.85 20.97
CA ARG B 238 -6.16 52.18 21.27
CA ARG B 238 -6.23 52.20 21.29
C ARG B 238 -6.45 53.04 20.03
N GLY B 239 -7.46 53.88 20.09
CA GLY B 239 -7.91 54.55 18.87
C GLY B 239 -8.39 53.51 17.87
N LYS B 240 -7.84 53.49 16.65
CA LYS B 240 -8.22 52.52 15.58
C LYS B 240 -7.21 51.36 15.54
N GLN B 241 -6.32 51.26 16.51
CA GLN B 241 -5.30 50.18 16.58
C GLN B 241 -5.85 49.03 17.45
N ALA B 242 -5.93 47.82 16.91
CA ALA B 242 -6.31 46.63 17.69
C ALA B 242 -5.12 46.23 18.56
N ILE B 243 -5.31 46.24 19.87
CA ILE B 243 -4.16 46.01 20.78
C ILE B 243 -4.32 44.76 21.62
N GLY B 244 -5.48 44.14 21.65
CA GLY B 244 -5.73 43.04 22.58
C GLY B 244 -7.12 42.49 22.39
N VAL B 245 -7.47 41.58 23.27
CA VAL B 245 -8.82 40.97 23.34
C VAL B 245 -9.21 40.80 24.79
N SER B 246 -10.50 40.76 24.98
CA SER B 246 -11.19 40.21 26.17
C SER B 246 -11.57 38.77 25.90
N TYR B 247 -11.45 37.92 26.91
CA TYR B 247 -11.98 36.54 26.84
C TYR B 247 -12.64 36.13 28.13
N ILE B 248 -13.52 35.17 27.98
CA ILE B 248 -14.44 34.67 29.03
C ILE B 248 -14.41 33.16 28.94
N PRO B 249 -14.76 32.46 30.03
CA PRO B 249 -14.92 31.01 29.92
C PRO B 249 -16.09 30.66 29.01
N THR B 250 -15.92 29.65 28.16
CA THR B 250 -17.00 29.19 27.26
C THR B 250 -18.21 28.74 28.08
N SER B 251 -17.97 28.20 29.26
CA SER B 251 -19.05 27.62 30.10
C SER B 251 -19.87 28.67 30.84
N GLY B 252 -19.57 29.96 30.67
CA GLY B 252 -20.53 31.01 31.04
C GLY B 252 -20.27 31.63 32.40
N GLY B 253 -19.13 31.38 33.04
CA GLY B 253 -18.81 32.00 34.33
C GLY B 253 -18.56 33.49 34.18
N ASN B 254 -18.91 34.25 35.20
CA ASN B 254 -18.90 35.73 35.20
C ASN B 254 -17.49 36.23 35.49
N THR B 255 -16.59 35.89 34.61
CA THR B 255 -15.18 36.29 34.61
C THR B 255 -14.87 36.83 33.22
N THR B 256 -14.08 37.89 33.17
CA THR B 256 -13.55 38.46 31.92
CA THR B 256 -13.55 38.46 31.92
C THR B 256 -12.09 38.84 32.16
N THR B 257 -11.26 38.59 31.17
CA THR B 257 -9.81 38.85 31.22
C THR B 257 -9.38 39.55 29.94
N ASN B 258 -8.48 40.51 30.06
CA ASN B 258 -7.85 41.22 28.93
C ASN B 258 -6.44 40.72 28.73
N VAL B 259 -6.06 40.48 27.50
CA VAL B 259 -4.67 40.14 27.09
C VAL B 259 -4.32 40.96 25.85
N TYR B 260 -3.04 41.27 25.69
CA TYR B 260 -2.52 42.26 24.72
C TYR B 260 -1.49 41.62 23.81
N ALA B 261 -1.47 42.11 22.58
CA ALA B 261 -0.52 41.70 21.52
C ALA B 261 0.29 42.91 21.07
N SER B 262 1.58 42.73 20.92
CA SER B 262 2.46 43.81 20.47
C SER B 262 2.31 44.06 18.96
N LYS B 263 1.91 43.07 18.16
CA LYS B 263 1.88 43.24 16.69
C LYS B 263 0.44 43.18 16.20
N GLU B 264 -0.27 42.06 16.28
CA GLU B 264 -1.61 41.97 15.66
C GLU B 264 -2.52 41.04 16.46
N ILE B 265 -3.80 41.27 16.21
CA ILE B 265 -4.91 40.38 16.54
C ILE B 265 -5.35 39.73 15.24
N THR B 266 -5.51 38.41 15.27
CA THR B 266 -6.01 37.67 14.08
C THR B 266 -7.31 36.97 14.46
N LEU B 267 -8.38 37.26 13.73
CA LEU B 267 -9.64 36.52 13.92
C LEU B 267 -9.60 35.25 13.07
N ALA B 268 -9.92 34.12 13.74
CA ALA B 268 -9.93 32.79 13.08
C ALA B 268 -11.12 32.01 13.63
N ALA B 269 -12.22 32.69 13.92
CA ALA B 269 -13.35 32.11 14.67
C ALA B 269 -14.45 31.55 13.76
N GLY B 270 -14.16 31.48 12.47
CA GLY B 270 -15.03 30.83 11.48
C GLY B 270 -16.15 31.71 10.95
N GLY B 271 -16.84 31.19 9.94
CA GLY B 271 -17.91 31.95 9.29
C GLY B 271 -18.97 32.42 10.27
N LEU B 272 -19.28 31.65 11.30
CA LEU B 272 -20.34 32.00 12.28
C LEU B 272 -19.76 32.62 13.55
N GLY B 273 -18.45 32.72 13.69
CA GLY B 273 -17.83 33.30 14.90
C GLY B 273 -17.13 34.62 14.68
N THR B 274 -16.42 34.78 13.57
CA THR B 274 -15.68 36.00 13.30
C THR B 274 -16.59 37.22 13.18
N PRO B 275 -17.71 37.18 12.43
CA PRO B 275 -18.56 38.37 12.37
C PRO B 275 -19.10 38.80 13.73
N LYS B 276 -19.36 37.85 14.61
CA LYS B 276 -19.84 38.16 15.97
C LYS B 276 -18.77 38.94 16.73
N ILE B 277 -17.54 38.48 16.68
CA ILE B 277 -16.47 39.23 17.39
C ILE B 277 -16.43 40.66 16.84
N LEU B 278 -16.46 40.78 15.52
CA LEU B 278 -16.36 42.12 14.90
C LEU B 278 -17.52 43.00 15.39
N GLN B 279 -18.74 42.51 15.26
CA GLN B 279 -19.92 43.31 15.57
C GLN B 279 -19.86 43.71 17.05
N LEU B 280 -19.58 42.77 17.94
CA LEU B 280 -19.49 43.08 19.39
C LEU B 280 -18.44 44.15 19.67
N SER B 281 -17.41 44.25 18.83
CA SER B 281 -16.27 45.16 18.98
C SER B 281 -16.53 46.49 18.26
N GLY B 282 -17.70 46.70 17.69
CA GLY B 282 -18.05 47.97 17.02
C GLY B 282 -17.57 48.03 15.58
N ILE B 283 -17.34 46.86 14.98
CA ILE B 283 -16.96 46.79 13.55
C ILE B 283 -18.06 46.05 12.81
N GLY B 284 -18.86 46.79 12.08
CA GLY B 284 -20.07 46.21 11.50
C GLY B 284 -21.01 47.27 11.01
N PRO B 285 -22.23 46.85 10.63
CA PRO B 285 -23.18 47.78 10.04
C PRO B 285 -23.66 48.81 11.09
N ARG B 286 -23.59 50.09 10.76
CA ARG B 286 -24.04 51.18 11.67
CA ARG B 286 -24.06 51.22 11.62
C ARG B 286 -25.45 50.87 12.20
N LYS B 287 -26.39 50.49 11.34
CA LYS B 287 -27.81 50.33 11.76
C LYS B 287 -27.87 49.29 12.89
N LEU B 288 -27.21 48.16 12.71
CA LEU B 288 -27.27 47.07 13.71
C LEU B 288 -26.60 47.50 15.01
N LEU B 289 -25.43 48.11 14.89
CA LEU B 289 -24.62 48.50 16.07
C LEU B 289 -25.36 49.61 16.82
N ASN B 290 -25.96 50.57 16.09
CA ASN B 290 -26.76 51.64 16.72
C ASN B 290 -27.93 50.99 17.49
N GLU B 291 -28.67 50.06 16.87
CA GLU B 291 -29.83 49.31 17.45
CA GLU B 291 -29.85 49.44 17.51
C GLU B 291 -29.41 48.77 18.83
N LEU B 292 -28.22 48.19 18.88
CA LEU B 292 -27.74 47.48 20.11
C LEU B 292 -26.96 48.40 21.05
N GLY B 293 -26.79 49.67 20.71
CA GLY B 293 -26.04 50.57 21.60
C GLY B 293 -24.55 50.30 21.61
N ILE B 294 -24.00 49.71 20.54
CA ILE B 294 -22.55 49.44 20.42
C ILE B 294 -21.89 50.58 19.67
N PRO B 295 -20.95 51.33 20.28
CA PRO B 295 -20.27 52.39 19.56
C PRO B 295 -19.54 51.86 18.33
N VAL B 296 -19.72 52.58 17.21
CA VAL B 296 -19.18 52.20 15.90
C VAL B 296 -17.72 52.65 15.80
N ILE B 297 -16.80 51.69 15.72
CA ILE B 297 -15.33 51.91 15.48
C ILE B 297 -15.11 51.95 13.96
N SER B 298 -15.77 51.09 13.20
CA SER B 298 -15.61 51.03 11.72
C SER B 298 -16.95 50.56 11.14
N ASP B 299 -17.59 51.43 10.40
CA ASP B 299 -18.92 51.20 9.80
C ASP B 299 -18.72 50.35 8.55
N LEU B 300 -18.91 49.06 8.68
CA LEU B 300 -18.68 48.07 7.60
C LEU B 300 -19.97 47.27 7.42
N PRO B 301 -20.85 47.69 6.49
CA PRO B 301 -22.11 46.98 6.29
C PRO B 301 -21.96 45.52 5.85
N GLY B 302 -20.78 45.11 5.37
CA GLY B 302 -20.60 43.72 4.93
C GLY B 302 -20.43 42.72 6.06
N VAL B 303 -20.16 43.17 7.30
CA VAL B 303 -19.91 42.21 8.39
C VAL B 303 -21.21 41.47 8.73
N GLY B 304 -21.20 40.17 8.51
CA GLY B 304 -22.38 39.34 8.74
C GLY B 304 -23.26 39.19 7.50
N GLN B 305 -22.95 39.90 6.44
CA GLN B 305 -23.64 39.73 5.16
C GLN B 305 -22.97 38.60 4.40
N ASN B 306 -23.57 38.19 3.30
CA ASN B 306 -22.89 37.35 2.30
C ASN B 306 -22.68 35.92 2.77
N LEU B 307 -23.41 35.50 3.79
CA LEU B 307 -23.27 34.09 4.27
C LEU B 307 -23.57 33.11 3.17
N GLN B 308 -22.68 32.14 2.99
CA GLN B 308 -22.91 31.05 2.04
C GLN B 308 -22.60 29.72 2.72
N ASP B 309 -23.21 28.69 2.18
CA ASP B 309 -22.89 27.30 2.53
C ASP B 309 -23.06 26.49 1.23
N GLN B 310 -23.00 25.18 1.33
CA GLN B 310 -23.16 24.28 0.16
C GLN B 310 -24.24 23.28 0.55
N PRO B 311 -25.49 23.57 0.18
CA PRO B 311 -26.61 22.71 0.57
C PRO B 311 -26.45 21.24 0.18
N THR B 312 -27.14 20.42 0.96
CA THR B 312 -27.15 18.98 0.75
C THR B 312 -28.56 18.40 0.61
N LEU B 313 -28.60 17.30 -0.12
CA LEU B 313 -29.85 16.55 -0.31
C LEU B 313 -29.51 15.09 -0.15
N THR B 314 -30.25 14.41 0.73
CA THR B 314 -30.10 12.98 0.91
C THR B 314 -31.31 12.27 0.28
N ILE B 315 -31.05 11.46 -0.72
CA ILE B 315 -32.10 10.75 -1.50
C ILE B 315 -32.10 9.30 -1.02
N PRO B 316 -33.24 8.82 -0.48
CA PRO B 316 -33.31 7.44 -0.01
C PRO B 316 -33.64 6.46 -1.14
N TYR B 317 -33.10 5.25 -1.00
CA TYR B 317 -33.28 4.17 -1.99
C TYR B 317 -33.64 2.86 -1.26
N THR B 318 -34.30 1.98 -2.00
CA THR B 318 -34.29 0.54 -1.66
C THR B 318 -33.73 -0.19 -2.88
N PHE B 319 -33.28 -1.40 -2.65
CA PHE B 319 -32.63 -2.23 -3.66
C PHE B 319 -33.21 -3.64 -3.60
N THR B 320 -33.43 -4.22 -4.76
CA THR B 320 -33.80 -5.64 -4.80
C THR B 320 -32.56 -6.53 -4.79
N ASN B 321 -31.39 -5.98 -5.12
CA ASN B 321 -30.19 -6.83 -5.32
C ASN B 321 -28.93 -6.05 -4.99
N ASN B 322 -28.90 -5.36 -3.85
CA ASN B 322 -27.64 -4.66 -3.50
C ASN B 322 -26.58 -5.74 -3.16
N VAL B 323 -25.34 -5.37 -3.37
CA VAL B 323 -24.18 -6.23 -3.08
C VAL B 323 -23.75 -6.09 -1.63
N PHE B 324 -23.27 -7.19 -1.08
CA PHE B 324 -22.73 -7.26 0.29
C PHE B 324 -21.24 -7.44 0.16
N PRO B 325 -20.43 -6.83 1.03
CA PRO B 325 -20.86 -5.86 2.05
C PRO B 325 -21.03 -4.47 1.43
N ASN B 326 -21.67 -3.60 2.21
CA ASN B 326 -21.83 -2.18 1.88
C ASN B 326 -21.80 -1.38 3.19
N THR B 327 -21.85 -0.07 3.06
CA THR B 327 -21.71 0.78 4.26
C THR B 327 -22.76 0.42 5.29
N ASP B 328 -23.98 0.10 4.86
CA ASP B 328 -25.04 -0.18 5.84
C ASP B 328 -24.81 -1.48 6.62
N SER B 329 -24.00 -2.39 6.08
CA SER B 329 -23.59 -3.62 6.78
C SER B 329 -22.94 -3.27 8.12
N LEU B 330 -22.19 -2.15 8.19
CA LEU B 330 -21.52 -1.80 9.47
C LEU B 330 -22.57 -1.52 10.56
N THR B 331 -23.76 -1.03 10.17
CA THR B 331 -24.82 -0.67 11.14
C THR B 331 -25.65 -1.89 11.52
N THR B 332 -26.14 -2.63 10.50
CA THR B 332 -27.14 -3.67 10.73
C THR B 332 -26.55 -5.05 11.02
N ASN B 333 -25.30 -5.28 10.68
CA ASN B 333 -24.69 -6.62 10.78
C ASN B 333 -23.60 -6.55 11.84
N ALA B 334 -23.90 -6.94 13.08
CA ALA B 334 -22.94 -6.80 14.18
C ALA B 334 -21.72 -7.66 13.89
N THR B 335 -21.91 -8.81 13.24
CA THR B 335 -20.78 -9.73 12.94
C THR B 335 -19.81 -9.06 11.95
N TYR B 336 -20.36 -8.48 10.88
CA TYR B 336 -19.53 -7.76 9.87
C TYR B 336 -18.80 -6.62 10.59
N ASN B 337 -19.53 -5.84 11.34
CA ASN B 337 -18.94 -4.68 12.02
C ASN B 337 -17.78 -5.15 12.91
N ALA B 338 -18.03 -6.16 13.73
CA ALA B 338 -17.00 -6.66 14.66
C ALA B 338 -15.79 -7.19 13.88
N GLU B 339 -16.02 -7.93 12.82
CA GLU B 339 -14.90 -8.47 12.03
C GLU B 339 -14.11 -7.34 11.35
N GLN B 340 -14.81 -6.30 10.84
CA GLN B 340 -14.05 -5.19 10.23
C GLN B 340 -13.31 -4.42 11.31
N ARG B 341 -13.88 -4.26 12.51
CA ARG B 341 -13.12 -3.54 13.54
C ARG B 341 -11.91 -4.38 13.96
N ALA B 342 -12.05 -5.69 14.11
CA ALA B 342 -10.94 -6.56 14.49
C ALA B 342 -9.84 -6.48 13.43
N LEU B 343 -10.23 -6.48 12.18
CA LEU B 343 -9.29 -6.39 11.06
C LEU B 343 -8.52 -5.07 11.15
N TYR B 344 -9.23 -3.97 11.35
CA TYR B 344 -8.58 -2.67 11.52
C TYR B 344 -7.63 -2.70 12.74
N ASP B 345 -8.10 -3.24 13.85
CA ASP B 345 -7.29 -3.23 15.09
C ASP B 345 -5.99 -4.03 14.90
N SER B 346 -6.04 -5.09 14.09
CA SER B 346 -4.90 -5.98 13.87
C SER B 346 -3.94 -5.38 12.81
N SER B 347 -4.41 -5.23 11.58
CA SER B 347 -3.56 -4.88 10.43
C SER B 347 -3.94 -3.57 9.74
N LYS B 348 -4.84 -2.81 10.34
CA LYS B 348 -5.26 -1.47 9.86
C LYS B 348 -5.82 -1.55 8.46
N GLN B 349 -6.46 -2.68 8.11
CA GLN B 349 -7.12 -2.86 6.81
C GLN B 349 -8.63 -2.68 6.95
N GLY B 350 -9.27 -2.43 5.80
CA GLY B 350 -10.72 -2.66 5.65
C GLY B 350 -11.61 -1.44 5.81
N ALA B 351 -12.89 -1.75 6.04
CA ALA B 351 -13.94 -0.73 6.00
C ALA B 351 -13.76 0.38 7.02
N TYR B 352 -13.09 0.12 8.13
CA TYR B 352 -12.86 1.17 9.15
C TYR B 352 -11.88 2.25 8.69
N THR B 353 -11.26 2.10 7.52
CA THR B 353 -10.41 3.17 6.97
C THR B 353 -11.22 4.19 6.17
N ILE B 354 -12.50 3.91 5.91
CA ILE B 354 -13.41 4.82 5.19
C ILE B 354 -14.21 5.57 6.24
N VAL B 355 -14.42 6.86 6.08
CA VAL B 355 -15.28 7.61 7.01
C VAL B 355 -16.66 6.96 6.98
N ASN B 356 -17.21 6.72 8.16
CA ASN B 356 -18.48 6.00 8.28
C ASN B 356 -19.57 6.72 7.48
N SER B 357 -20.31 5.92 6.71
CA SER B 357 -21.42 6.29 5.82
C SER B 357 -20.93 6.76 4.44
N LEU B 358 -19.65 7.17 4.24
CA LEU B 358 -19.12 7.58 2.93
C LEU B 358 -18.66 6.33 2.19
N SER B 359 -18.58 6.49 0.89
CA SER B 359 -17.83 5.62 0.00
C SER B 359 -16.51 6.29 -0.41
N THR B 360 -15.86 5.71 -1.41
CA THR B 360 -14.49 6.08 -1.83
C THR B 360 -14.39 6.98 -3.03
N ASN B 361 -15.43 7.06 -3.85
CA ASN B 361 -15.48 7.85 -5.07
C ASN B 361 -16.60 8.87 -5.03
N ILE B 362 -16.52 9.82 -5.94
CA ILE B 362 -17.47 10.94 -5.95
C ILE B 362 -17.44 11.52 -7.36
N GLY B 363 -18.46 12.30 -7.69
CA GLY B 363 -18.54 12.97 -8.98
C GLY B 363 -18.83 14.45 -8.84
N VAL B 364 -18.21 15.26 -9.68
CA VAL B 364 -18.47 16.72 -9.74
C VAL B 364 -18.78 17.10 -11.17
N MET B 365 -19.67 18.05 -11.36
CA MET B 365 -20.10 18.43 -12.70
C MET B 365 -20.34 19.92 -12.81
N SER B 366 -19.93 20.45 -13.96
CA SER B 366 -20.29 21.79 -14.44
C SER B 366 -21.78 21.86 -14.75
N LEU B 367 -22.28 23.09 -14.91
CA LEU B 367 -23.70 23.24 -15.27
C LEU B 367 -23.98 22.58 -16.62
N GLN B 368 -23.11 22.77 -17.61
CA GLN B 368 -23.39 22.14 -18.94
C GLN B 368 -23.29 20.62 -18.86
N ARG B 369 -22.46 20.09 -17.96
CA ARG B 369 -22.38 18.63 -17.79
C ARG B 369 -23.65 18.12 -17.11
N ALA B 370 -24.19 18.86 -16.15
CA ALA B 370 -25.44 18.46 -15.49
C ALA B 370 -26.61 18.57 -16.45
N ALA B 371 -26.66 19.64 -17.23
CA ALA B 371 -27.86 20.06 -17.98
C ALA B 371 -27.47 20.36 -19.42
N PRO B 372 -27.00 19.37 -20.20
CA PRO B 372 -26.44 19.65 -21.52
C PRO B 372 -27.46 20.25 -22.49
N LYS B 373 -28.74 19.99 -22.29
CA LYS B 373 -29.79 20.46 -23.23
C LYS B 373 -30.43 21.76 -22.76
N SER B 374 -30.15 22.24 -21.55
CA SER B 374 -30.88 23.42 -21.01
C SER B 374 -29.97 24.41 -20.29
N TYR B 375 -28.68 24.16 -20.12
CA TYR B 375 -27.86 25.08 -19.29
C TYR B 375 -27.94 26.52 -19.82
N ARG B 376 -28.07 26.74 -21.12
CA ARG B 376 -28.12 28.12 -21.64
CA ARG B 376 -28.10 28.13 -21.64
C ARG B 376 -29.40 28.83 -21.22
N GLN B 377 -30.48 28.06 -21.01
CA GLN B 377 -31.78 28.61 -20.55
C GLN B 377 -31.62 29.04 -19.09
N ILE B 378 -30.93 28.23 -18.28
CA ILE B 378 -30.68 28.61 -16.85
C ILE B 378 -29.80 29.84 -16.79
N ILE B 379 -28.75 29.89 -17.59
CA ILE B 379 -27.87 31.07 -17.64
C ILE B 379 -28.68 32.30 -18.06
N ALA B 380 -29.52 32.16 -19.07
CA ALA B 380 -30.35 33.31 -19.54
C ALA B 380 -31.20 33.83 -18.40
N ALA B 381 -31.89 32.95 -17.68
CA ALA B 381 -32.74 33.34 -16.55
C ALA B 381 -31.90 34.08 -15.51
N ALA B 382 -30.74 33.54 -15.20
CA ALA B 382 -29.86 34.15 -14.19
C ALA B 382 -29.35 35.53 -14.66
N ARG B 383 -28.96 35.63 -15.92
CA ARG B 383 -28.43 36.89 -16.50
CA ARG B 383 -28.42 36.90 -16.47
C ARG B 383 -29.54 37.94 -16.48
N ALA B 384 -30.77 37.52 -16.76
CA ALA B 384 -31.87 38.46 -16.95
C ALA B 384 -32.21 39.14 -15.63
N ARG B 385 -32.06 38.40 -14.52
CA ARG B 385 -32.57 38.86 -13.22
C ARG B 385 -31.60 39.82 -12.57
N SER B 386 -32.14 40.92 -12.05
N SER B 386 -32.07 40.98 -12.13
CA SER B 386 -31.34 41.90 -11.27
CA SER B 386 -31.16 41.93 -11.43
C SER B 386 -30.65 41.20 -10.10
C SER B 386 -30.64 41.28 -10.15
N ALA B 387 -29.35 41.41 -9.91
CA ALA B 387 -28.66 40.87 -8.73
C ALA B 387 -29.40 41.28 -7.45
N SER B 388 -29.91 42.51 -7.38
CA SER B 388 -30.52 43.07 -6.15
C SER B 388 -31.72 42.22 -5.70
N LEU B 389 -32.38 41.48 -6.59
CA LEU B 389 -33.58 40.71 -6.21
C LEU B 389 -33.19 39.60 -5.22
N SER B 390 -31.90 39.21 -5.17
CA SER B 390 -31.46 38.10 -4.30
C SER B 390 -31.24 38.57 -2.85
N LEU B 391 -31.33 39.88 -2.60
CA LEU B 391 -31.05 40.45 -1.29
C LEU B 391 -32.30 41.21 -0.89
N PRO B 392 -32.61 41.38 0.40
CA PRO B 392 -33.78 42.14 0.80
C PRO B 392 -33.74 43.57 0.36
N PRO B 393 -34.90 44.21 0.09
CA PRO B 393 -34.93 45.64 -0.09
C PRO B 393 -34.22 46.26 1.11
N GLY B 394 -33.48 47.32 0.83
CA GLY B 394 -32.83 48.10 1.87
C GLY B 394 -31.46 47.57 2.16
N THR B 395 -31.02 46.48 1.51
CA THR B 395 -29.64 46.01 1.68
C THR B 395 -28.69 47.14 1.29
N ASP B 396 -27.62 47.30 2.03
CA ASP B 396 -26.65 48.38 1.76
C ASP B 396 -26.22 48.34 0.31
N PRO B 397 -26.20 49.51 -0.38
CA PRO B 397 -25.81 49.51 -1.79
C PRO B 397 -24.42 48.98 -2.10
N ALA B 398 -23.47 49.12 -1.16
CA ALA B 398 -22.12 48.59 -1.37
C ALA B 398 -22.22 47.06 -1.36
N VAL B 399 -22.95 46.52 -0.42
CA VAL B 399 -23.15 45.04 -0.33
C VAL B 399 -23.82 44.54 -1.62
N ILE B 400 -24.79 45.24 -2.15
CA ILE B 400 -25.41 44.85 -3.45
C ILE B 400 -24.35 44.85 -4.55
N ARG B 401 -23.53 45.88 -4.62
CA ARG B 401 -22.49 45.96 -5.67
C ARG B 401 -21.56 44.76 -5.58
N GLY B 402 -21.10 44.41 -4.39
CA GLY B 402 -20.25 43.24 -4.23
C GLY B 402 -20.95 41.94 -4.63
N TYR B 403 -22.22 41.80 -4.33
CA TYR B 403 -22.97 40.60 -4.71
C TYR B 403 -23.07 40.55 -6.23
N GLN B 404 -23.36 41.71 -6.84
CA GLN B 404 -23.46 41.72 -8.32
CA GLN B 404 -23.45 41.75 -8.34
C GLN B 404 -22.13 41.25 -8.93
N ALA B 405 -21.00 41.66 -8.36
CA ALA B 405 -19.69 41.26 -8.91
C ALA B 405 -19.52 39.75 -8.70
N GLN B 406 -19.86 39.26 -7.53
CA GLN B 406 -19.78 37.78 -7.31
C GLN B 406 -20.67 37.05 -8.30
N ARG B 407 -21.89 37.51 -8.46
CA ARG B 407 -22.88 36.85 -9.32
C ARG B 407 -22.33 36.81 -10.74
N ASN B 408 -21.77 37.92 -11.22
CA ASN B 408 -21.25 37.95 -12.60
C ASN B 408 -20.13 36.91 -12.74
N ALA B 409 -19.28 36.79 -11.74
CA ALA B 409 -18.19 35.79 -11.79
C ALA B 409 -18.78 34.39 -11.82
N ILE B 410 -19.81 34.14 -11.04
CA ILE B 410 -20.46 32.81 -10.98
C ILE B 410 -21.16 32.50 -12.28
N LEU B 411 -21.82 33.47 -12.92
CA LEU B 411 -22.47 33.23 -14.21
C LEU B 411 -21.41 32.88 -15.26
N LYS B 412 -20.22 33.48 -15.21
CA LYS B 412 -19.13 33.01 -16.09
C LYS B 412 -18.76 31.57 -15.76
N GLN B 413 -18.76 31.23 -14.47
CA GLN B 413 -18.48 29.83 -14.08
C GLN B 413 -19.59 28.88 -14.59
N PHE B 414 -20.84 29.32 -14.61
CA PHE B 414 -21.92 28.50 -15.16
C PHE B 414 -21.68 28.18 -16.64
N GLU B 415 -21.06 29.10 -17.38
CA GLU B 415 -20.72 28.97 -18.83
CA GLU B 415 -20.75 28.93 -18.82
C GLU B 415 -19.48 28.09 -19.02
N ASN B 416 -18.69 27.89 -17.99
CA ASN B 416 -17.36 27.26 -18.08
C ASN B 416 -17.51 25.76 -17.95
N PRO B 417 -17.05 24.96 -18.95
CA PRO B 417 -17.17 23.52 -18.83
C PRO B 417 -16.26 22.95 -17.76
N ASN B 418 -15.32 23.76 -17.25
CA ASN B 418 -14.28 23.25 -16.32
C ASN B 418 -14.45 23.75 -14.91
N VAL B 419 -15.64 24.23 -14.53
CA VAL B 419 -15.92 24.61 -13.14
C VAL B 419 -17.13 23.82 -12.66
N GLY B 420 -17.03 23.21 -11.49
CA GLY B 420 -18.14 22.44 -10.90
C GLY B 420 -19.20 23.31 -10.25
N VAL B 421 -20.44 22.85 -10.31
CA VAL B 421 -21.55 23.51 -9.58
C VAL B 421 -22.26 22.51 -8.64
N GLY B 422 -21.99 21.21 -8.74
CA GLY B 422 -22.69 20.23 -7.90
C GLY B 422 -21.88 18.95 -7.82
N THR B 423 -22.24 18.16 -6.85
CA THR B 423 -21.58 16.89 -6.49
CA THR B 423 -21.60 16.87 -6.61
C THR B 423 -22.65 15.77 -6.45
N VAL B 424 -22.24 14.55 -6.79
CA VAL B 424 -23.03 13.35 -6.59
C VAL B 424 -22.14 12.33 -5.87
N HIS B 425 -22.73 11.65 -4.91
CA HIS B 425 -22.05 10.60 -4.13
C HIS B 425 -23.05 9.49 -3.78
N TRP B 426 -22.56 8.28 -3.68
CA TRP B 426 -23.37 7.19 -3.12
C TRP B 426 -22.53 6.40 -2.14
N GLY B 427 -22.95 6.38 -0.90
CA GLY B 427 -22.22 5.68 0.15
C GLY B 427 -22.16 4.16 0.04
N THR B 428 -22.96 3.59 -0.85
CA THR B 428 -23.15 2.15 -1.15
C THR B 428 -24.33 1.55 -0.42
N GLY B 429 -24.99 2.33 0.43
CA GLY B 429 -26.18 1.88 1.17
C GLY B 429 -27.45 2.60 0.77
N SER B 430 -28.27 2.92 1.76
CA SER B 430 -29.66 3.30 1.53
C SER B 430 -29.84 4.74 1.07
N SER B 431 -28.79 5.52 0.89
CA SER B 431 -28.99 6.90 0.42
C SER B 431 -27.87 7.41 -0.45
N ALA B 432 -28.25 8.31 -1.34
CA ALA B 432 -27.31 9.05 -2.18
C ALA B 432 -27.30 10.49 -1.70
N LEU B 433 -26.22 11.20 -2.00
CA LEU B 433 -26.05 12.61 -1.59
C LEU B 433 -25.79 13.48 -2.82
N VAL B 434 -26.51 14.57 -2.91
CA VAL B 434 -26.35 15.54 -3.99
C VAL B 434 -26.11 16.89 -3.33
N TYR B 435 -24.96 17.51 -3.64
CA TYR B 435 -24.59 18.80 -3.04
C TYR B 435 -24.62 19.90 -4.08
N HIS B 436 -25.07 21.06 -3.64
CA HIS B 436 -25.14 22.26 -4.48
C HIS B 436 -23.96 23.17 -4.11
N LEU B 437 -22.95 23.25 -4.97
CA LEU B 437 -21.67 23.89 -4.59
C LEU B 437 -21.68 25.40 -4.76
N LYS B 438 -22.50 25.92 -5.66
CA LYS B 438 -22.38 27.32 -6.14
C LYS B 438 -23.73 28.02 -6.04
N PRO B 439 -24.31 28.12 -4.82
CA PRO B 439 -25.56 28.83 -4.71
C PRO B 439 -25.40 30.33 -4.97
N LEU B 440 -26.41 30.90 -5.63
CA LEU B 440 -26.51 32.37 -5.82
C LEU B 440 -27.23 33.00 -4.62
N SER B 441 -27.90 32.21 -3.78
CA SER B 441 -28.56 32.74 -2.58
C SER B 441 -27.50 33.19 -1.56
N ARG B 442 -27.87 34.19 -0.75
CA ARG B 442 -26.98 34.76 0.29
C ARG B 442 -27.74 34.96 1.58
N GLY B 443 -27.10 34.64 2.69
CA GLY B 443 -27.70 34.77 4.01
C GLY B 443 -27.01 35.79 4.90
N THR B 444 -27.33 35.70 6.17
CA THR B 444 -26.85 36.65 7.18
C THR B 444 -26.50 35.91 8.48
N VAL B 445 -25.57 36.50 9.20
CA VAL B 445 -25.32 36.11 10.59
CA VAL B 445 -25.19 36.10 10.59
C VAL B 445 -25.05 37.40 11.39
N ASN B 446 -25.96 37.70 12.30
CA ASN B 446 -25.92 38.98 13.04
C ASN B 446 -26.10 38.71 14.52
N ILE B 447 -25.36 39.40 15.34
CA ILE B 447 -25.63 39.35 16.80
C ILE B 447 -27.05 39.89 17.09
N ARG B 448 -27.62 39.37 18.18
CA ARG B 448 -28.97 39.70 18.67
C ARG B 448 -28.89 40.58 19.93
N SER B 449 -27.70 40.69 20.51
CA SER B 449 -27.49 41.33 21.81
C SER B 449 -26.02 41.64 21.98
N THR B 450 -25.72 42.36 23.04
CA THR B 450 -24.32 42.62 23.44
C THR B 450 -23.78 41.51 24.34
N ASN B 451 -24.57 40.48 24.63
CA ASN B 451 -24.11 39.42 25.54
C ASN B 451 -23.27 38.44 24.72
N PRO B 452 -21.94 38.30 24.98
CA PRO B 452 -21.10 37.43 24.16
C PRO B 452 -21.46 35.94 24.26
N LEU B 453 -22.29 35.52 25.20
CA LEU B 453 -22.76 34.12 25.32
C LEU B 453 -23.99 33.83 24.44
N ASP B 454 -24.62 34.87 23.87
CA ASP B 454 -25.86 34.71 23.09
C ASP B 454 -25.50 34.32 21.64
N ALA B 455 -26.10 33.27 21.17
CA ALA B 455 -25.94 32.87 19.75
C ALA B 455 -26.38 34.02 18.85
N PRO B 456 -25.74 34.16 17.68
CA PRO B 456 -26.21 35.11 16.71
C PRO B 456 -27.42 34.53 15.98
N GLU B 457 -28.13 35.41 15.30
CA GLU B 457 -29.22 35.04 14.38
C GLU B 457 -28.59 34.56 13.07
N ILE B 458 -28.92 33.34 12.68
CA ILE B 458 -28.32 32.66 11.52
C ILE B 458 -29.42 32.39 10.50
N ASP B 459 -29.39 33.11 9.38
CA ASP B 459 -30.44 32.96 8.33
C ASP B 459 -29.73 32.57 7.04
N TYR B 460 -29.74 31.30 6.69
CA TYR B 460 -29.02 30.86 5.47
C TYR B 460 -29.63 31.44 4.21
N ARG B 461 -30.93 31.67 4.19
CA ARG B 461 -31.66 32.15 2.99
C ARG B 461 -31.48 31.18 1.81
N THR B 462 -31.35 29.90 2.12
CA THR B 462 -31.23 28.87 1.10
C THR B 462 -32.45 28.95 0.17
N GLY B 463 -32.21 28.83 -1.12
CA GLY B 463 -33.33 28.72 -2.08
C GLY B 463 -34.11 30.00 -2.23
N THR B 464 -33.62 31.12 -1.73
CA THR B 464 -34.36 32.39 -1.91
C THR B 464 -34.14 32.92 -3.32
N ASP B 465 -32.99 32.69 -3.90
CA ASP B 465 -32.73 32.99 -5.32
C ASP B 465 -33.27 31.83 -6.15
N PRO B 466 -34.29 32.04 -7.00
CA PRO B 466 -34.95 30.92 -7.67
C PRO B 466 -34.07 30.21 -8.69
N ILE B 467 -32.95 30.80 -9.09
CA ILE B 467 -32.01 30.10 -9.99
C ILE B 467 -31.45 28.88 -9.30
N ASP B 468 -31.27 28.95 -7.99
CA ASP B 468 -30.67 27.80 -7.29
C ASP B 468 -31.52 26.54 -7.46
N ALA B 469 -32.84 26.65 -7.46
CA ALA B 469 -33.71 25.47 -7.63
C ALA B 469 -33.49 24.88 -9.03
N GLN B 470 -33.32 25.72 -10.03
CA GLN B 470 -33.11 25.23 -11.40
C GLN B 470 -31.80 24.41 -11.45
N VAL B 471 -30.73 24.97 -10.89
CA VAL B 471 -29.45 24.24 -10.86
C VAL B 471 -29.64 22.94 -10.07
N TYR B 472 -30.25 23.02 -8.91
CA TYR B 472 -30.31 21.85 -8.01
C TYR B 472 -31.18 20.76 -8.64
N THR B 473 -32.27 21.14 -9.31
CA THR B 473 -33.13 20.16 -9.96
C THR B 473 -32.33 19.43 -11.05
N SER B 474 -31.49 20.15 -11.81
CA SER B 474 -30.63 19.51 -12.83
CA SER B 474 -30.63 19.50 -12.84
C SER B 474 -29.67 18.50 -12.18
N LEU B 475 -29.10 18.86 -11.03
CA LEU B 475 -28.21 17.92 -10.32
C LEU B 475 -28.96 16.66 -9.89
N PHE B 476 -30.17 16.82 -9.36
CA PHE B 476 -31.02 15.68 -9.00
C PHE B 476 -31.21 14.79 -10.21
N ARG B 477 -31.54 15.38 -11.35
CA ARG B 477 -31.79 14.57 -12.56
C ARG B 477 -30.53 13.82 -12.97
N LYS B 478 -29.35 14.41 -12.87
CA LYS B 478 -28.11 13.68 -13.21
C LYS B 478 -27.96 12.49 -12.25
N ASN B 479 -28.20 12.71 -10.95
CA ASN B 479 -28.13 11.58 -10.00
C ASN B 479 -29.05 10.44 -10.42
N ARG B 480 -30.26 10.77 -10.85
CA ARG B 480 -31.26 9.76 -11.25
C ARG B 480 -30.72 9.01 -12.48
N GLU B 481 -30.04 9.70 -13.39
CA GLU B 481 -29.42 9.04 -14.56
C GLU B 481 -28.43 7.98 -14.09
N ILE B 482 -27.60 8.29 -13.10
CA ILE B 482 -26.60 7.32 -12.59
C ILE B 482 -27.32 6.06 -12.09
N PHE B 483 -28.32 6.22 -11.26
CA PHE B 483 -29.06 5.09 -10.67
C PHE B 483 -29.83 4.31 -11.72
N ASN B 484 -30.15 4.93 -12.82
CA ASN B 484 -30.84 4.26 -13.93
C ASN B 484 -29.89 3.62 -14.95
N ALA B 485 -28.59 3.83 -14.82
CA ALA B 485 -27.63 3.38 -15.84
C ALA B 485 -27.43 1.87 -15.70
N PRO B 486 -27.01 1.18 -16.76
CA PRO B 486 -26.92 -0.26 -16.72
C PRO B 486 -26.13 -0.83 -15.53
N SER B 487 -25.01 -0.20 -15.19
CA SER B 487 -24.14 -0.76 -14.14
C SER B 487 -24.79 -0.67 -12.75
N MET B 488 -25.74 0.25 -12.52
CA MET B 488 -26.47 0.35 -11.23
C MET B 488 -27.79 -0.41 -11.29
N ARG B 489 -28.39 -0.49 -12.46
CA ARG B 489 -29.70 -1.20 -12.58
C ARG B 489 -29.52 -2.68 -12.16
N VAL B 490 -28.33 -3.27 -12.27
CA VAL B 490 -28.11 -4.68 -11.84
CA VAL B 490 -28.13 -4.68 -11.84
C VAL B 490 -28.36 -4.84 -10.32
N LEU B 491 -28.20 -3.80 -9.54
CA LEU B 491 -28.42 -3.85 -8.06
C LEU B 491 -29.91 -3.66 -7.73
N GLY B 492 -30.72 -3.32 -8.73
CA GLY B 492 -32.15 -3.08 -8.55
C GLY B 492 -32.56 -1.91 -7.67
N PRO B 493 -32.00 -0.69 -7.85
CA PRO B 493 -32.39 0.44 -7.04
C PRO B 493 -33.75 1.01 -7.45
N SER B 494 -34.39 1.59 -6.45
CA SER B 494 -35.48 2.53 -6.75
CA SER B 494 -35.63 2.40 -6.61
C SER B 494 -35.54 3.59 -5.66
N GLU B 495 -35.85 4.79 -6.10
CA GLU B 495 -36.02 5.90 -5.14
C GLU B 495 -37.15 5.52 -4.17
N ALA B 496 -36.92 5.79 -2.91
CA ALA B 496 -37.90 5.59 -1.85
C ALA B 496 -38.64 6.89 -1.56
N ALA B 497 -39.72 6.78 -0.84
CA ALA B 497 -40.54 7.94 -0.47
C ALA B 497 -39.70 8.90 0.36
N PRO B 498 -39.87 10.24 0.25
CA PRO B 498 -40.86 10.90 -0.59
C PRO B 498 -40.46 11.18 -2.05
N PHE B 499 -39.35 10.60 -2.51
CA PHE B 499 -39.01 10.63 -3.94
C PHE B 499 -39.72 9.45 -4.62
N GLY B 500 -39.31 9.16 -5.83
CA GLY B 500 -39.97 8.11 -6.63
C GLY B 500 -39.90 8.40 -8.10
N ALA B 501 -39.86 7.34 -8.89
CA ALA B 501 -39.80 7.43 -10.36
C ALA B 501 -41.00 8.19 -10.93
N ASN B 502 -42.15 8.20 -10.27
CA ASN B 502 -43.33 8.92 -10.84
C ASN B 502 -43.27 10.43 -10.60
N LEU B 503 -42.28 10.95 -9.86
CA LEU B 503 -42.01 12.41 -9.83
C LEU B 503 -41.15 12.73 -11.04
N THR B 504 -41.72 13.32 -12.09
CA THR B 504 -41.03 13.54 -13.37
C THR B 504 -40.90 15.02 -13.68
N THR B 505 -41.81 15.88 -13.20
CA THR B 505 -41.74 17.31 -13.59
C THR B 505 -40.78 18.06 -12.65
N ASP B 506 -40.23 19.16 -13.15
CA ASP B 506 -39.39 20.01 -12.29
C ASP B 506 -40.17 20.36 -11.02
N GLU B 507 -41.44 20.76 -11.15
CA GLU B 507 -42.28 21.19 -10.02
C GLU B 507 -42.38 20.05 -8.99
N GLU B 508 -42.68 18.86 -9.47
CA GLU B 508 -42.93 17.67 -8.62
C GLU B 508 -41.66 17.35 -7.84
N ILE B 509 -40.56 17.35 -8.54
CA ILE B 509 -39.25 16.99 -7.92
C ILE B 509 -38.84 18.05 -6.90
N TYR B 510 -38.85 19.31 -7.31
CA TYR B 510 -38.33 20.37 -6.45
C TYR B 510 -39.25 20.55 -5.23
N ALA B 511 -40.56 20.29 -5.34
CA ALA B 511 -41.42 20.40 -4.15
C ALA B 511 -40.90 19.46 -3.07
N VAL B 512 -40.47 18.26 -3.44
CA VAL B 512 -39.94 17.33 -2.42
C VAL B 512 -38.57 17.81 -1.94
N MET B 513 -37.74 18.30 -2.85
CA MET B 513 -36.42 18.82 -2.47
C MET B 513 -36.55 19.98 -1.46
N ARG B 514 -37.52 20.85 -1.68
CA ARG B 514 -37.68 22.02 -0.80
CA ARG B 514 -37.78 22.03 -0.82
C ARG B 514 -37.94 21.56 0.65
N GLU B 515 -38.60 20.42 0.83
CA GLU B 515 -38.88 19.91 2.18
C GLU B 515 -37.67 19.19 2.78
N LEU B 516 -36.72 18.73 1.98
CA LEU B 516 -35.62 17.87 2.48
C LEU B 516 -34.25 18.55 2.42
N ILE B 517 -34.01 19.51 1.54
CA ILE B 517 -32.67 20.13 1.46
C ILE B 517 -32.24 20.60 2.83
N ASN B 518 -30.98 20.31 3.17
CA ASN B 518 -30.37 20.99 4.32
C ASN B 518 -29.61 22.18 3.78
N PRO B 519 -29.82 23.39 4.35
CA PRO B 519 -29.04 24.56 3.98
C PRO B 519 -27.53 24.38 3.97
N SER B 520 -27.01 23.43 4.76
CA SER B 520 -25.61 23.47 5.16
C SER B 520 -24.97 22.08 5.17
N ASN B 521 -23.71 22.06 4.80
CA ASN B 521 -22.82 20.93 5.04
C ASN B 521 -21.74 21.35 6.03
N ALA B 522 -22.02 22.36 6.85
CA ALA B 522 -21.06 22.97 7.78
C ALA B 522 -19.90 23.62 7.00
N HIS B 523 -20.19 24.20 5.85
CA HIS B 523 -19.19 24.90 5.01
C HIS B 523 -19.41 26.41 5.09
N GLN B 524 -19.83 26.94 6.23
CA GLN B 524 -20.22 28.34 6.34
C GLN B 524 -19.00 29.22 5.99
N CYS B 525 -19.22 30.23 5.13
CA CYS B 525 -18.13 31.11 4.69
C CYS B 525 -18.65 32.52 4.46
N CYS B 526 -17.67 33.41 4.23
CA CYS B 526 -17.88 34.58 3.34
C CYS B 526 -18.54 35.78 4.03
N THR B 527 -18.66 35.72 5.35
CA THR B 527 -19.34 36.71 6.21
C THR B 527 -18.44 37.87 6.63
N ALA B 528 -17.17 37.86 6.24
CA ALA B 528 -16.25 39.00 6.44
C ALA B 528 -15.42 39.13 5.17
N ALA B 529 -16.11 39.35 4.07
CA ALA B 529 -15.55 39.05 2.74
C ALA B 529 -14.36 39.94 2.38
N MET B 530 -13.44 39.32 1.67
CA MET B 530 -12.30 40.00 1.03
C MET B 530 -12.79 40.54 -0.31
N MET B 531 -13.31 41.75 -0.26
CA MET B 531 -13.62 42.53 -1.46
CA MET B 531 -13.77 42.55 -1.41
C MET B 531 -13.36 43.99 -1.13
N PRO B 532 -13.22 44.85 -2.15
CA PRO B 532 -13.08 46.29 -1.87
C PRO B 532 -14.19 46.78 -0.96
N LYS B 533 -13.87 47.75 -0.10
CA LYS B 533 -14.86 48.30 0.84
C LYS B 533 -16.08 48.81 0.06
N ASP B 534 -15.88 49.41 -1.11
CA ASP B 534 -17.04 49.99 -1.85
C ASP B 534 -17.89 48.90 -2.48
N MET B 535 -17.45 47.64 -2.35
CA MET B 535 -18.24 46.47 -2.78
CA MET B 535 -18.21 46.45 -2.80
C MET B 535 -18.72 45.67 -1.57
N GLY B 536 -18.80 46.32 -0.42
CA GLY B 536 -19.30 45.67 0.80
C GLY B 536 -18.31 44.72 1.44
N GLY B 537 -17.05 44.83 1.06
CA GLY B 537 -15.99 44.07 1.69
C GLY B 537 -15.72 44.44 3.12
N VAL B 538 -15.14 43.47 3.82
CA VAL B 538 -14.74 43.67 5.25
C VAL B 538 -13.23 43.71 5.36
N VAL B 539 -12.53 42.96 4.51
CA VAL B 539 -11.06 42.92 4.51
C VAL B 539 -10.45 43.18 3.16
N SER B 540 -9.26 43.78 3.22
CA SER B 540 -8.41 44.05 2.05
C SER B 540 -7.86 42.74 1.46
N SER B 541 -7.07 42.86 0.39
CA SER B 541 -6.40 41.68 -0.22
C SER B 541 -5.31 41.12 0.72
N GLU B 542 -4.89 41.90 1.72
CA GLU B 542 -3.93 41.46 2.76
C GLU B 542 -4.71 40.96 3.99
N GLN B 543 -6.02 40.84 3.89
CA GLN B 543 -6.95 40.31 4.93
C GLN B 543 -7.02 41.26 6.13
N LYS B 544 -6.67 42.54 5.93
CA LYS B 544 -6.81 43.52 7.00
C LYS B 544 -8.22 44.13 7.01
N VAL B 545 -8.80 44.17 8.21
CA VAL B 545 -10.15 44.76 8.39
C VAL B 545 -10.10 46.27 8.12
N TYR B 546 -10.97 46.72 7.24
CA TYR B 546 -11.03 48.16 6.87
C TYR B 546 -11.32 49.03 8.09
N GLY B 547 -10.62 50.14 8.16
CA GLY B 547 -10.88 51.19 9.14
C GLY B 547 -10.15 50.99 10.45
N VAL B 548 -9.41 49.89 10.59
CA VAL B 548 -8.62 49.65 11.83
C VAL B 548 -7.30 49.05 11.43
N GLN B 549 -6.36 49.17 12.35
CA GLN B 549 -4.98 48.68 12.15
C GLN B 549 -4.72 47.52 13.10
N GLY B 550 -3.87 46.61 12.67
CA GLY B 550 -3.42 45.50 13.51
C GLY B 550 -4.42 44.36 13.59
N LEU B 551 -5.40 44.28 12.67
CA LEU B 551 -6.49 43.30 12.80
C LEU B 551 -6.70 42.63 11.44
N ARG B 552 -6.67 41.30 11.41
CA ARG B 552 -6.92 40.54 10.20
C ARG B 552 -7.96 39.45 10.44
N VAL B 553 -8.50 38.94 9.34
CA VAL B 553 -9.38 37.74 9.32
C VAL B 553 -8.67 36.63 8.56
N ALA B 554 -8.47 35.49 9.22
CA ALA B 554 -7.76 34.32 8.68
C ALA B 554 -8.70 33.19 8.26
N ASP B 555 -9.83 33.07 8.92
CA ASP B 555 -10.76 31.98 8.66
C ASP B 555 -11.60 32.24 7.40
N ILE B 556 -12.36 31.24 6.98
CA ILE B 556 -13.02 31.32 5.66
C ILE B 556 -14.21 32.27 5.65
N SER B 557 -14.46 33.00 6.73
CA SER B 557 -15.24 34.27 6.67
CA SER B 557 -15.30 34.21 6.61
C SER B 557 -14.72 35.18 5.55
N PHE B 558 -13.43 35.14 5.27
CA PHE B 558 -12.87 36.12 4.28
C PHE B 558 -13.21 35.74 2.83
N TRP B 559 -13.58 34.49 2.55
CA TRP B 559 -13.77 34.14 1.13
C TRP B 559 -14.87 34.97 0.48
N PRO B 560 -14.70 35.41 -0.79
CA PRO B 560 -15.84 36.05 -1.48
C PRO B 560 -17.02 35.10 -1.69
N PHE B 561 -16.73 33.90 -2.16
CA PHE B 561 -17.79 32.95 -2.50
C PHE B 561 -17.24 31.53 -2.50
N GLN B 562 -18.18 30.59 -2.51
CA GLN B 562 -17.88 29.14 -2.37
C GLN B 562 -17.10 28.59 -3.55
N LEU B 563 -16.34 27.54 -3.26
CA LEU B 563 -15.53 26.83 -4.24
C LEU B 563 -16.29 25.76 -4.99
N SER B 564 -15.71 25.33 -6.13
CA SER B 564 -16.00 24.03 -6.72
C SER B 564 -15.20 23.01 -5.90
N GLY B 565 -15.73 22.65 -4.75
CA GLY B 565 -14.99 21.82 -3.80
C GLY B 565 -15.48 22.10 -2.41
N SER B 566 -14.94 21.40 -1.44
CA SER B 566 -15.25 21.58 -0.01
C SER B 566 -14.13 22.41 0.58
N PRO B 567 -14.36 23.11 1.70
CA PRO B 567 -13.42 24.15 2.12
C PRO B 567 -12.07 23.77 2.72
N MET B 568 -11.96 22.57 3.28
CA MET B 568 -10.79 22.30 4.17
C MET B 568 -9.43 22.54 3.51
N ALA B 569 -9.17 21.97 2.32
CA ALA B 569 -7.82 22.08 1.79
C ALA B 569 -7.45 23.57 1.64
N THR B 570 -8.41 24.38 1.16
CA THR B 570 -8.17 25.82 0.97
C THR B 570 -8.08 26.56 2.31
N ALA B 571 -8.79 26.11 3.32
CA ALA B 571 -8.64 26.72 4.67
C ALA B 571 -7.20 26.56 5.14
N TYR B 572 -6.60 25.39 4.96
CA TYR B 572 -5.18 25.21 5.31
C TYR B 572 -4.31 26.13 4.42
N ALA B 573 -4.46 26.02 3.11
CA ALA B 573 -3.53 26.72 2.19
C ALA B 573 -3.64 28.23 2.37
N GLY B 574 -4.86 28.74 2.55
CA GLY B 574 -5.03 30.19 2.73
C GLY B 574 -4.37 30.69 4.00
N ALA B 575 -4.31 29.86 5.04
CA ALA B 575 -3.63 30.23 6.29
C ALA B 575 -2.11 30.14 6.08
N GLU B 576 -1.66 29.14 5.33
CA GLU B 576 -0.22 29.09 4.94
C GLU B 576 0.16 30.41 4.26
N ARG B 577 -0.67 30.85 3.31
CA ARG B 577 -0.38 32.06 2.54
CA ARG B 577 -0.41 32.07 2.52
C ARG B 577 -0.39 33.29 3.46
N LEU B 578 -1.37 33.41 4.33
CA LEU B 578 -1.46 34.57 5.23
C LEU B 578 -0.22 34.61 6.14
N ALA B 579 0.24 33.45 6.61
CA ALA B 579 1.42 33.43 7.49
C ALA B 579 2.60 34.14 6.82
N ASP B 580 2.81 33.85 5.55
CA ASP B 580 3.90 34.52 4.82
C ASP B 580 3.63 36.02 4.66
N VAL B 581 2.41 36.41 4.40
CA VAL B 581 2.05 37.83 4.25
C VAL B 581 2.40 38.56 5.55
N ILE B 582 2.03 37.99 6.69
CA ILE B 582 2.29 38.58 8.02
C ILE B 582 3.80 38.65 8.27
N LYS B 583 4.49 37.55 8.03
CA LYS B 583 5.94 37.49 8.24
C LYS B 583 6.64 38.57 7.41
N LYS B 584 6.23 38.75 6.17
CA LYS B 584 6.88 39.73 5.28
C LYS B 584 6.64 41.15 5.84
N GLU B 585 5.42 41.49 6.24
CA GLU B 585 5.16 42.85 6.72
C GLU B 585 5.98 43.13 7.97
N HIS B 586 6.12 42.18 8.89
CA HIS B 586 6.80 42.40 10.22
C HIS B 586 8.27 42.00 10.22
N ARG B 587 8.79 41.62 9.07
CA ARG B 587 10.20 41.16 8.88
CA ARG B 587 10.21 41.20 8.93
C ARG B 587 10.55 40.06 9.91
N LEU B 588 9.76 38.97 9.93
CA LEU B 588 9.93 37.83 10.90
C LEU B 588 10.81 36.74 10.30
#